data_1D61
# 
_entry.id   1D61 
# 
_audit_conform.dict_name       mmcif_pdbx.dic 
_audit_conform.dict_version    5.374 
_audit_conform.dict_location   http://mmcif.pdb.org/dictionaries/ascii/mmcif_pdbx.dic 
# 
loop_
_database_2.database_id 
_database_2.database_code 
_database_2.pdbx_database_accession 
_database_2.pdbx_DOI 
PDB   1D61         pdb_00001d61 10.2210/pdb1d61/pdb 
RCSB  BDJB44       ?            ?                   
WWPDB D_1000172662 ?            ?                   
# 
_pdbx_database_status.status_code                     REL 
_pdbx_database_status.entry_id                        1D61 
_pdbx_database_status.recvd_initial_deposition_date   1992-02-26 
_pdbx_database_status.deposit_site                    BNL 
_pdbx_database_status.process_site                    NDB 
_pdbx_database_status.status_code_sf                  REL 
_pdbx_database_status.status_code_mr                  ? 
_pdbx_database_status.SG_entry                        ? 
_pdbx_database_status.pdb_format_compatible           Y 
_pdbx_database_status.status_code_cs                  ? 
_pdbx_database_status.status_code_nmr_data            ? 
_pdbx_database_status.methods_development_category    ? 
# 
loop_
_audit_author.name 
_audit_author.pdbx_ordinal 
'Lipanov, A.'            1 
'Kopka, M.L.'            2 
'Kaczor-Grzeskowiak, M.' 3 
'Quintana, J.'           4 
'Dickerson, R.E.'        5 
# 
loop_
_citation.id 
_citation.title 
_citation.journal_abbrev 
_citation.journal_volume 
_citation.page_first 
_citation.page_last 
_citation.year 
_citation.journal_id_ASTM 
_citation.country 
_citation.journal_id_ISSN 
_citation.journal_id_CSD 
_citation.book_publisher 
_citation.pdbx_database_id_PubMed 
_citation.pdbx_database_id_DOI 
primary 'Structure of the B-DNA decamer C-C-A-A-C-I-T-T-G-G in two different space groups: conformational flexibility of B-DNA.' 
Biochemistry 32  1373 1389 1993 BICHAW US 0006-2960 0033 ? 8448146 10.1021/bi00056a024 
1       'Helix Geometry, Hydration, and G.A Mismatch in a B-DNA Decamer' Science      238 498  504  1992 SCIEAS US 0036-8075 0038 
? ?       ?                   
2       'Crystallographic Study of One Turn of G/C-Rich B-DNA' J.Mol.Biol.  210 369  381  1992 JMOBAK UK 0022-2836 0070 ? ?       
?                   
3       
;Structure of the B-DNA Decamer C-C-A-A-C-G-T-T-G-G and Comparison with Isomorphous Decamers C-C-A-A-G-A-T-T-G-G and C-C-A-G-G-C-C-T-G-G
;
J.Mol.Biol.  217 177  199  1992 JMOBAK UK 0022-2836 0070 ? ?       ?                   
# 
loop_
_citation_author.citation_id 
_citation_author.name 
_citation_author.ordinal 
_citation_author.identifier_ORCID 
primary 'Lipanov, A.'            1  ? 
primary 'Kopka, M.L.'            2  ? 
primary 'Kaczor-Grzeskowiak, M.' 3  ? 
primary 'Quintana, J.'           4  ? 
primary 'Dickerson, R.E.'        5  ? 
1       'Prive, G.G.'            6  ? 
1       'Heinemann, U.'          7  ? 
1       'Chandrasegaran, S.'     8  ? 
1       'Kan, L.S.'              9  ? 
1       'Kopka, M.L.'            10 ? 
1       'Dickerson, R.E.'        11 ? 
2       'Heinemann, U.'          12 ? 
2       'Alings, C.'             13 ? 
3       'Prive, G.G.'            14 ? 
3       'Yanagi, K.'             15 ? 
3       'Dickerson, R.E.'        16 ? 
# 
_cell.entry_id           1D61 
_cell.length_a           31.870 
_cell.length_b           25.690 
_cell.length_c           34.210 
_cell.angle_alpha        90.00 
_cell.angle_beta         114.10 
_cell.angle_gamma        90.00 
_cell.Z_PDB              4 
_cell.pdbx_unique_axis   ? 
# 
_symmetry.entry_id                         1D61 
_symmetry.space_group_name_H-M             'C 1 2 1' 
_symmetry.pdbx_full_space_group_name_H-M   ? 
_symmetry.cell_setting                     ? 
_symmetry.Int_Tables_number                5 
# 
loop_
_entity.id 
_entity.type 
_entity.src_method 
_entity.pdbx_description 
_entity.formula_weight 
_entity.pdbx_number_of_molecules 
_entity.pdbx_ec 
_entity.pdbx_mutation 
_entity.pdbx_fragment 
_entity.details 
1 polymer     syn 
;DNA (5'-D(*CP*CP*AP*AP*CP*IP*TP*TP*GP*G)-3')
;
3029.990 1  ? ? ? ? 
2 non-polymer syn 'CACODYLATE ION'                               136.989  1  ? ? ? ? 
3 non-polymer syn 'CALCIUM ION'                                  40.078   1  ? ? ? ? 
4 water       nat water                                          18.015   79 ? ? ? ? 
# 
_entity_poly.entity_id                      1 
_entity_poly.type                           polydeoxyribonucleotide 
_entity_poly.nstd_linkage                   no 
_entity_poly.nstd_monomer                   no 
_entity_poly.pdbx_seq_one_letter_code       '(DC)(DC)(DA)(DA)(DC)(DI)(DT)(DT)(DG)(DG)' 
_entity_poly.pdbx_seq_one_letter_code_can   CCAACITTGG 
_entity_poly.pdbx_strand_id                 A 
_entity_poly.pdbx_target_identifier         ? 
# 
loop_
_entity_poly_seq.entity_id 
_entity_poly_seq.num 
_entity_poly_seq.mon_id 
_entity_poly_seq.hetero 
1 1  DC n 
1 2  DC n 
1 3  DA n 
1 4  DA n 
1 5  DC n 
1 6  DI n 
1 7  DT n 
1 8  DT n 
1 9  DG n 
1 10 DG n 
# 
_struct_ref.id                         1 
_struct_ref.entity_id                  1 
_struct_ref.db_name                    PDB 
_struct_ref.db_code                    1D61 
_struct_ref.pdbx_db_accession          1D61 
_struct_ref.pdbx_db_isoform            ? 
_struct_ref.pdbx_seq_one_letter_code   ? 
_struct_ref.pdbx_align_begin           ? 
# 
_struct_ref_seq.align_id                      1 
_struct_ref_seq.ref_id                        1 
_struct_ref_seq.pdbx_PDB_id_code              1D61 
_struct_ref_seq.pdbx_strand_id                A 
_struct_ref_seq.seq_align_beg                 1 
_struct_ref_seq.pdbx_seq_align_beg_ins_code   ? 
_struct_ref_seq.seq_align_end                 10 
_struct_ref_seq.pdbx_seq_align_end_ins_code   ? 
_struct_ref_seq.pdbx_db_accession             1D61 
_struct_ref_seq.db_align_beg                  1 
_struct_ref_seq.pdbx_db_align_beg_ins_code    ? 
_struct_ref_seq.db_align_end                  10 
_struct_ref_seq.pdbx_db_align_end_ins_code    ? 
_struct_ref_seq.pdbx_auth_seq_align_beg       1 
_struct_ref_seq.pdbx_auth_seq_align_end       10 
# 
loop_
_chem_comp.id 
_chem_comp.type 
_chem_comp.mon_nstd_flag 
_chem_comp.name 
_chem_comp.pdbx_synonyms 
_chem_comp.formula 
_chem_comp.formula_weight 
CA  non-polymer   . 'CALCIUM ION'                        ?                'Ca 2'            40.078  
CAC non-polymer   . 'CACODYLATE ION'                     dimethylarsinate 'C2 H6 As O2 -1'  136.989 
DA  'DNA linking' y "2'-DEOXYADENOSINE-5'-MONOPHOSPHATE" ?                'C10 H14 N5 O6 P' 331.222 
DC  'DNA linking' y "2'-DEOXYCYTIDINE-5'-MONOPHOSPHATE"  ?                'C9 H14 N3 O7 P'  307.197 
DG  'DNA linking' y "2'-DEOXYGUANOSINE-5'-MONOPHOSPHATE" ?                'C10 H14 N5 O7 P' 347.221 
DI  'DNA linking' y "2'-DEOXYINOSINE-5'-MONOPHOSPHATE"   ?                'C10 H13 N4 O7 P' 332.207 
DT  'DNA linking' y "THYMIDINE-5'-MONOPHOSPHATE"         ?                'C10 H15 N2 O8 P' 322.208 
HOH non-polymer   . WATER                                ?                'H2 O'            18.015  
# 
_exptl.entry_id          1D61 
_exptl.method            'X-RAY DIFFRACTION' 
_exptl.crystals_number   ? 
# 
_exptl_crystal.id                    1 
_exptl_crystal.density_meas          ? 
_exptl_crystal.density_percent_sol   39.23 
_exptl_crystal.density_Matthews      2.02 
_exptl_crystal.description           ? 
# 
_exptl_crystal_grow.crystal_id      1 
_exptl_crystal_grow.method          'VAPOR DIFFUSION, SITTING DROP' 
_exptl_crystal_grow.temp            277.00 
_exptl_crystal_grow.temp_details    ? 
_exptl_crystal_grow.pH              7.10 
_exptl_crystal_grow.pdbx_details    'pH 7.10, VAPOR DIFFUSION, SITTING DROP, temperature 277.00K' 
_exptl_crystal_grow.pdbx_pH_range   ? 
# 
loop_
_exptl_crystal_grow_comp.crystal_id 
_exptl_crystal_grow_comp.id 
_exptl_crystal_grow_comp.sol_id 
_exptl_crystal_grow_comp.name 
_exptl_crystal_grow_comp.volume 
_exptl_crystal_grow_comp.conc 
_exptl_crystal_grow_comp.details 
1 1 1 WATER           ? ? ? 
1 2 1 MPD             ? ? ? 
1 3 1 'CA CACODYLATE' ? ? ? 
1 4 1 'NA CACODYLATE' ? ? ? 
1 5 1 SPERMIDINE      ? ? ? 
1 6 2 WATER           ? ? ? 
1 7 2 MPD             ? ? ? 
# 
_diffrn.id                     1 
_diffrn.ambient_temp           248.00 
_diffrn.ambient_temp_details   ? 
_diffrn.crystal_id             1 
# 
_diffrn_detector.diffrn_id              1 
_diffrn_detector.detector               DIFFRACTOMETER 
_diffrn_detector.type                   'RIGAKU AFC-5R' 
_diffrn_detector.pdbx_collection_date   ? 
_diffrn_detector.details                ? 
# 
_diffrn_radiation.diffrn_id                        1 
_diffrn_radiation.wavelength_id                    1 
_diffrn_radiation.pdbx_monochromatic_or_laue_m_l   M 
_diffrn_radiation.monochromator                    ? 
_diffrn_radiation.pdbx_diffrn_protocol             'SINGLE WAVELENGTH' 
_diffrn_radiation.pdbx_scattering_type             x-ray 
# 
_diffrn_radiation_wavelength.id           1 
_diffrn_radiation_wavelength.wavelength   . 
_diffrn_radiation_wavelength.wt           1.0 
# 
_diffrn_source.diffrn_id                   1 
_diffrn_source.source                      'ROTATING ANODE' 
_diffrn_source.type                        ? 
_diffrn_source.pdbx_synchrotron_site       ? 
_diffrn_source.pdbx_synchrotron_beamline   ? 
_diffrn_source.pdbx_wavelength             ? 
_diffrn_source.pdbx_wavelength_list        ? 
# 
_reflns.entry_id                     1D61 
_reflns.observed_criterion_sigma_I   2.000 
_reflns.observed_criterion_sigma_F   ? 
_reflns.d_resolution_low             8.000 
_reflns.d_resolution_high            1.300 
_reflns.number_obs                   5026 
_reflns.number_all                   5848 
_reflns.percent_possible_obs         ? 
_reflns.pdbx_Rmerge_I_obs            ? 
_reflns.pdbx_Rsym_value              ? 
_reflns.pdbx_netI_over_sigmaI        ? 
_reflns.B_iso_Wilson_estimate        ? 
_reflns.pdbx_redundancy              ? 
_reflns.R_free_details               ? 
_reflns.pdbx_ordinal                 1 
_reflns.pdbx_diffrn_id               1 
# 
_refine.entry_id                                 1D61 
_refine.ls_number_reflns_obs                     5026 
_refine.ls_number_reflns_all                     ? 
_refine.pdbx_ls_sigma_I                          ? 
_refine.pdbx_ls_sigma_F                          2.000 
_refine.pdbx_data_cutoff_high_absF               ? 
_refine.pdbx_data_cutoff_low_absF                ? 
_refine.pdbx_data_cutoff_high_rms_absF           ? 
_refine.ls_d_res_low                             8.000 
_refine.ls_d_res_high                            1.300 
_refine.ls_percent_reflns_obs                    ? 
_refine.ls_R_factor_obs                          0.1520000 
_refine.ls_R_factor_all                          ? 
_refine.ls_R_factor_R_work                       ? 
_refine.ls_R_factor_R_free                       ? 
_refine.ls_R_factor_R_free_error                 ? 
_refine.ls_R_factor_R_free_error_details         ? 
_refine.ls_percent_reflns_R_free                 ? 
_refine.ls_number_reflns_R_free                  ? 
_refine.ls_number_parameters                     ? 
_refine.ls_number_restraints                     ? 
_refine.occupancy_min                            ? 
_refine.occupancy_max                            ? 
_refine.B_iso_mean                               ? 
_refine.aniso_B[1][1]                            ? 
_refine.aniso_B[2][2]                            ? 
_refine.aniso_B[3][3]                            ? 
_refine.aniso_B[1][2]                            ? 
_refine.aniso_B[1][3]                            ? 
_refine.aniso_B[2][3]                            ? 
_refine.solvent_model_details                    ? 
_refine.solvent_model_param_ksol                 ? 
_refine.solvent_model_param_bsol                 ? 
_refine.pdbx_ls_cross_valid_method               ? 
_refine.details                                  ? 
_refine.pdbx_starting_model                      ? 
_refine.pdbx_method_to_determine_struct          ? 
_refine.pdbx_isotropic_thermal_model             ? 
_refine.pdbx_stereochemistry_target_values       ? 
_refine.pdbx_stereochem_target_val_spec_case     ? 
_refine.pdbx_R_Free_selection_details            ? 
_refine.pdbx_overall_ESU_R                       ? 
_refine.pdbx_overall_ESU_R_Free                  ? 
_refine.overall_SU_ML                            ? 
_refine.overall_SU_B                             ? 
_refine.ls_redundancy_reflns_obs                 ? 
_refine.correlation_coeff_Fo_to_Fc               ? 
_refine.correlation_coeff_Fo_to_Fc_free          ? 
_refine.overall_SU_R_Cruickshank_DPI             ? 
_refine.overall_SU_R_free                        ? 
_refine.pdbx_refine_id                           'X-RAY DIFFRACTION' 
_refine.pdbx_diffrn_id                           1 
_refine.pdbx_TLS_residual_ADP_flag               ? 
_refine.pdbx_solvent_vdw_probe_radii             ? 
_refine.pdbx_solvent_ion_probe_radii             ? 
_refine.pdbx_solvent_shrinkage_radii             ? 
_refine.pdbx_overall_phase_error                 ? 
_refine.pdbx_overall_SU_R_free_Cruickshank_DPI   ? 
_refine.pdbx_overall_SU_R_Blow_DPI               ? 
_refine.pdbx_overall_SU_R_free_Blow_DPI          ? 
# 
_refine_hist.pdbx_refine_id                   'X-RAY DIFFRACTION' 
_refine_hist.cycle_id                         LAST 
_refine_hist.pdbx_number_atoms_protein        0 
_refine_hist.pdbx_number_atoms_nucleic_acid   201 
_refine_hist.pdbx_number_atoms_ligand         4 
_refine_hist.number_atoms_solvent             79 
_refine_hist.number_atoms_total               284 
_refine_hist.d_res_high                       1.300 
_refine_hist.d_res_low                        8.000 
# 
_struct.entry_id                  1D61 
_struct.title                     'THE STRUCTURE OF THE B-DNA DECAMER C-C-A-A-C-I-T-T-G-G: MONOCLINIC FORM' 
_struct.pdbx_model_details        ? 
_struct.pdbx_CASP_flag            ? 
_struct.pdbx_model_type_details   ? 
# 
_struct_keywords.entry_id        1D61 
_struct_keywords.pdbx_keywords   DNA 
_struct_keywords.text            'B-DNA, DOUBLE HELIX, MODIFIED, DNA' 
# 
loop_
_struct_asym.id 
_struct_asym.pdbx_blank_PDB_chainid_flag 
_struct_asym.pdbx_modified 
_struct_asym.entity_id 
_struct_asym.details 
A N N 1 ? 
B N N 2 ? 
C N N 3 ? 
D N N 4 ? 
# 
_struct_biol.id                    1 
_struct_biol.pdbx_parent_biol_id   ? 
_struct_biol.details               ? 
# 
loop_
_struct_conn.id 
_struct_conn.conn_type_id 
_struct_conn.pdbx_leaving_atom_flag 
_struct_conn.pdbx_PDB_id 
_struct_conn.ptnr1_label_asym_id 
_struct_conn.ptnr1_label_comp_id 
_struct_conn.ptnr1_label_seq_id 
_struct_conn.ptnr1_label_atom_id 
_struct_conn.pdbx_ptnr1_label_alt_id 
_struct_conn.pdbx_ptnr1_PDB_ins_code 
_struct_conn.pdbx_ptnr1_standard_comp_id 
_struct_conn.ptnr1_symmetry 
_struct_conn.ptnr2_label_asym_id 
_struct_conn.ptnr2_label_comp_id 
_struct_conn.ptnr2_label_seq_id 
_struct_conn.ptnr2_label_atom_id 
_struct_conn.pdbx_ptnr2_label_alt_id 
_struct_conn.pdbx_ptnr2_PDB_ins_code 
_struct_conn.ptnr1_auth_asym_id 
_struct_conn.ptnr1_auth_comp_id 
_struct_conn.ptnr1_auth_seq_id 
_struct_conn.ptnr2_auth_asym_id 
_struct_conn.ptnr2_auth_comp_id 
_struct_conn.ptnr2_auth_seq_id 
_struct_conn.ptnr2_symmetry 
_struct_conn.pdbx_ptnr3_label_atom_id 
_struct_conn.pdbx_ptnr3_label_seq_id 
_struct_conn.pdbx_ptnr3_label_comp_id 
_struct_conn.pdbx_ptnr3_label_asym_id 
_struct_conn.pdbx_ptnr3_label_alt_id 
_struct_conn.pdbx_ptnr3_PDB_ins_code 
_struct_conn.details 
_struct_conn.pdbx_dist_value 
_struct_conn.pdbx_value_order 
_struct_conn.pdbx_role 
metalc1  metalc ? ? C CA .  CA ? ? ? 1_555 D HOH .  O  ? ? A CA 12 A HOH 85 1_555 ? ? ? ? ? ? ?            2.417 ? ? 
metalc2  metalc ? ? C CA .  CA ? ? ? 1_555 D HOH .  O  ? ? A CA 12 A HOH 86 1_555 ? ? ? ? ? ? ?            2.519 ? ? 
metalc3  metalc ? ? C CA .  CA ? ? ? 1_555 D HOH .  O  ? ? A CA 12 A HOH 87 1_555 ? ? ? ? ? ? ?            2.462 ? ? 
metalc4  metalc ? ? C CA .  CA ? ? ? 1_555 D HOH .  O  ? ? A CA 12 A HOH 88 1_555 ? ? ? ? ? ? ?            2.479 ? ? 
metalc5  metalc ? ? C CA .  CA ? ? ? 1_555 D HOH .  O  ? ? A CA 12 A HOH 89 1_555 ? ? ? ? ? ? ?            2.318 ? ? 
metalc6  metalc ? ? C CA .  CA ? ? ? 1_555 D HOH .  O  ? ? A CA 12 A HOH 90 1_555 ? ? ? ? ? ? ?            2.625 ? ? 
metalc7  metalc ? ? C CA .  CA ? ? ? 1_555 D HOH .  O  ? ? A CA 12 A HOH 91 1_555 ? ? ? ? ? ? ?            2.406 ? ? 
hydrog1  hydrog ? ? A DC 1  N3 ? ? ? 1_555 A DG  10 N1 ? ? A DC 1  A DG  10 2_555 ? ? ? ? ? ? WATSON-CRICK ?     ? ? 
hydrog2  hydrog ? ? A DC 1  N4 ? ? ? 1_555 A DG  10 O6 ? ? A DC 1  A DG  10 2_555 ? ? ? ? ? ? WATSON-CRICK ?     ? ? 
hydrog3  hydrog ? ? A DC 1  O2 ? ? ? 1_555 A DG  10 N2 ? ? A DC 1  A DG  10 2_555 ? ? ? ? ? ? WATSON-CRICK ?     ? ? 
hydrog4  hydrog ? ? A DC 2  N3 ? ? ? 1_555 A DG  9  N1 ? ? A DC 2  A DG  9  2_555 ? ? ? ? ? ? WATSON-CRICK ?     ? ? 
hydrog5  hydrog ? ? A DC 2  N4 ? ? ? 1_555 A DG  9  O6 ? ? A DC 2  A DG  9  2_555 ? ? ? ? ? ? WATSON-CRICK ?     ? ? 
hydrog6  hydrog ? ? A DC 2  O2 ? ? ? 1_555 A DG  9  N2 ? ? A DC 2  A DG  9  2_555 ? ? ? ? ? ? WATSON-CRICK ?     ? ? 
hydrog7  hydrog ? ? A DA 3  N1 ? ? ? 1_555 A DT  8  N3 ? ? A DA 3  A DT  8  2_555 ? ? ? ? ? ? WATSON-CRICK ?     ? ? 
hydrog8  hydrog ? ? A DA 3  N6 ? ? ? 1_555 A DT  8  O4 ? ? A DA 3  A DT  8  2_555 ? ? ? ? ? ? WATSON-CRICK ?     ? ? 
hydrog9  hydrog ? ? A DA 4  N1 ? ? ? 1_555 A DT  7  N3 ? ? A DA 4  A DT  7  2_555 ? ? ? ? ? ? WATSON-CRICK ?     ? ? 
hydrog10 hydrog ? ? A DA 4  N6 ? ? ? 1_555 A DT  7  O4 ? ? A DA 4  A DT  7  2_555 ? ? ? ? ? ? WATSON-CRICK ?     ? ? 
hydrog11 hydrog ? ? A DT 7  N3 ? ? ? 1_555 A DA  4  N1 ? ? A DT 7  A DA  4  2_555 ? ? ? ? ? ? WATSON-CRICK ?     ? ? 
hydrog12 hydrog ? ? A DT 7  O4 ? ? ? 1_555 A DA  4  N6 ? ? A DT 7  A DA  4  2_555 ? ? ? ? ? ? WATSON-CRICK ?     ? ? 
hydrog13 hydrog ? ? A DT 8  N3 ? ? ? 1_555 A DA  3  N1 ? ? A DT 8  A DA  3  2_555 ? ? ? ? ? ? WATSON-CRICK ?     ? ? 
hydrog14 hydrog ? ? A DT 8  O4 ? ? ? 1_555 A DA  3  N6 ? ? A DT 8  A DA  3  2_555 ? ? ? ? ? ? WATSON-CRICK ?     ? ? 
hydrog15 hydrog ? ? A DG 9  N1 ? ? ? 1_555 A DC  2  N3 ? ? A DG 9  A DC  2  2_555 ? ? ? ? ? ? WATSON-CRICK ?     ? ? 
hydrog16 hydrog ? ? A DG 9  N2 ? ? ? 1_555 A DC  2  O2 ? ? A DG 9  A DC  2  2_555 ? ? ? ? ? ? WATSON-CRICK ?     ? ? 
hydrog17 hydrog ? ? A DG 9  O6 ? ? ? 1_555 A DC  2  N4 ? ? A DG 9  A DC  2  2_555 ? ? ? ? ? ? WATSON-CRICK ?     ? ? 
hydrog18 hydrog ? ? A DG 10 N1 ? ? ? 1_555 A DC  1  N3 ? ? A DG 10 A DC  1  2_555 ? ? ? ? ? ? WATSON-CRICK ?     ? ? 
hydrog19 hydrog ? ? A DG 10 N2 ? ? ? 1_555 A DC  1  O2 ? ? A DG 10 A DC  1  2_555 ? ? ? ? ? ? WATSON-CRICK ?     ? ? 
hydrog20 hydrog ? ? A DG 10 O6 ? ? ? 1_555 A DC  1  N4 ? ? A DG 10 A DC  1  2_555 ? ? ? ? ? ? WATSON-CRICK ?     ? ? 
# 
loop_
_struct_conn_type.id 
_struct_conn_type.criteria 
_struct_conn_type.reference 
metalc ? ? 
hydrog ? ? 
# 
loop_
_struct_site.id 
_struct_site.pdbx_evidence_code 
_struct_site.pdbx_auth_asym_id 
_struct_site.pdbx_auth_comp_id 
_struct_site.pdbx_auth_seq_id 
_struct_site.pdbx_auth_ins_code 
_struct_site.pdbx_num_residues 
_struct_site.details 
AC1 Software A CAC 11 ? 9 'BINDING SITE FOR RESIDUE CAC A 11' 
AC2 Software A CA  12 ? 7 'BINDING SITE FOR RESIDUE CA A 12'  
# 
loop_
_struct_site_gen.id 
_struct_site_gen.site_id 
_struct_site_gen.pdbx_num_res 
_struct_site_gen.label_comp_id 
_struct_site_gen.label_asym_id 
_struct_site_gen.label_seq_id 
_struct_site_gen.pdbx_auth_ins_code 
_struct_site_gen.auth_comp_id 
_struct_site_gen.auth_asym_id 
_struct_site_gen.auth_seq_id 
_struct_site_gen.label_atom_id 
_struct_site_gen.label_alt_id 
_struct_site_gen.symmetry 
_struct_site_gen.details 
1  AC1 9 DC  A 1 ? DC  A 1  . ? 1_554 ? 
2  AC1 9 DC  A 2 ? DC  A 2  . ? 2_556 ? 
3  AC1 9 HOH D . ? HOH A 24 . ? 3_556 ? 
4  AC1 9 HOH D . ? HOH A 24 . ? 4_455 ? 
5  AC1 9 HOH D . ? HOH A 29 . ? 3_556 ? 
6  AC1 9 HOH D . ? HOH A 33 . ? 1_555 ? 
7  AC1 9 HOH D . ? HOH A 34 . ? 2_556 ? 
8  AC1 9 HOH D . ? HOH A 34 . ? 1_555 ? 
9  AC1 9 HOH D . ? HOH A 44 . ? 4_454 ? 
10 AC2 7 HOH D . ? HOH A 85 . ? 1_555 ? 
11 AC2 7 HOH D . ? HOH A 86 . ? 1_555 ? 
12 AC2 7 HOH D . ? HOH A 87 . ? 1_555 ? 
13 AC2 7 HOH D . ? HOH A 88 . ? 1_555 ? 
14 AC2 7 HOH D . ? HOH A 89 . ? 1_555 ? 
15 AC2 7 HOH D . ? HOH A 90 . ? 1_555 ? 
16 AC2 7 HOH D . ? HOH A 91 . ? 1_555 ? 
# 
_atom_sites.entry_id                    1D61 
_atom_sites.fract_transf_matrix[1][1]   -0.01766547 
_atom_sites.fract_transf_matrix[1][2]   0.02019520 
_atom_sites.fract_transf_matrix[1][3]   -0.02148512 
_atom_sites.fract_transf_vector[1]      0.010197 
_atom_sites.fract_transf_matrix[2][1]   -0.00076560 
_atom_sites.fract_transf_matrix[2][2]   -0.02866978 
_atom_sites.fract_transf_matrix[2][3]   -0.02631903 
_atom_sites.fract_transf_vector[2]      0.002859 
_atom_sites.fract_transf_matrix[3][1]   -0.03178847 
_atom_sites.fract_transf_matrix[3][2]   -0.00211541 
_atom_sites.fract_transf_matrix[3][3]   0.00322905 
_atom_sites.fract_transf_vector[3]      0.015898 
# 
loop_
_atom_type.symbol 
AS 
C  
CA 
N  
O  
P  
# 
loop_
_atom_site.group_PDB 
_atom_site.id 
_atom_site.type_symbol 
_atom_site.label_atom_id 
_atom_site.label_alt_id 
_atom_site.label_comp_id 
_atom_site.label_asym_id 
_atom_site.label_entity_id 
_atom_site.label_seq_id 
_atom_site.pdbx_PDB_ins_code 
_atom_site.Cartn_x 
_atom_site.Cartn_y 
_atom_site.Cartn_z 
_atom_site.occupancy 
_atom_site.B_iso_or_equiv 
_atom_site.pdbx_formal_charge 
_atom_site.auth_seq_id 
_atom_site.auth_comp_id 
_atom_site.auth_asym_id 
_atom_site.auth_atom_id 
_atom_site.pdbx_PDB_model_num 
ATOM   1   O  "O5'" . DC  A 1 1  ? -9.753  -11.504 9.577   1.00 30.71 ? 1  DC  A "O5'" 1 
ATOM   2   C  "C5'" . DC  A 1 1  ? -10.921 -11.975 8.908   1.00 19.78 ? 1  DC  A "C5'" 1 
ATOM   3   C  "C4'" . DC  A 1 1  ? -10.882 -11.203 7.609   1.00 18.22 ? 1  DC  A "C4'" 1 
ATOM   4   O  "O4'" . DC  A 1 1  ? -11.273 -9.898  7.966   1.00 15.11 ? 1  DC  A "O4'" 1 
ATOM   5   C  "C3'" . DC  A 1 1  ? -9.608  -10.956 6.748   1.00 12.58 ? 1  DC  A "C3'" 1 
ATOM   6   O  "O3'" . DC  A 1 1  ? -9.923  -11.830 5.644   1.00 9.42  ? 1  DC  A "O3'" 1 
ATOM   7   C  "C2'" . DC  A 1 1  ? -9.592  -9.480  6.334   1.00 10.22 ? 1  DC  A "C2'" 1 
ATOM   8   C  "C1'" . DC  A 1 1  ? -10.927 -9.019  6.839   1.00 12.93 ? 1  DC  A "C1'" 1 
ATOM   9   N  N1    . DC  A 1 1  ? -10.936 -7.687  7.486   1.00 8.62  ? 1  DC  A N1    1 
ATOM   10  C  C2    . DC  A 1 1  ? -11.703 -6.694  6.882   1.00 4.02  ? 1  DC  A C2    1 
ATOM   11  O  O2    . DC  A 1 1  ? -12.257 -6.905  5.784   1.00 7.25  ? 1  DC  A O2    1 
ATOM   12  N  N3    . DC  A 1 1  ? -11.742 -5.509  7.488   1.00 4.38  ? 1  DC  A N3    1 
ATOM   13  C  C4    . DC  A 1 1  ? -11.061 -5.263  8.649   1.00 5.52  ? 1  DC  A C4    1 
ATOM   14  N  N4    . DC  A 1 1  ? -11.203 -4.034  9.183   1.00 5.39  ? 1  DC  A N4    1 
ATOM   15  C  C5    . DC  A 1 1  ? -10.276 -6.291  9.298   1.00 4.91  ? 1  DC  A C5    1 
ATOM   16  C  C6    . DC  A 1 1  ? -10.251 -7.482  8.671   1.00 6.26  ? 1  DC  A C6    1 
ATOM   17  P  P     . DC  A 1 2  ? -8.869  -12.298 4.515   1.00 13.97 ? 2  DC  A P     1 
ATOM   18  O  OP1   . DC  A 1 2  ? -9.708  -13.265 4.011   1.00 24.51 ? 2  DC  A OP1   1 
ATOM   19  O  OP2   . DC  A 1 2  ? -7.685  -12.563 4.810   1.00 17.10 ? 2  DC  A OP2   1 
ATOM   20  O  "O5'" . DC  A 1 2  ? -8.828  -11.027 3.414   1.00 9.01  ? 2  DC  A "O5'" 1 
ATOM   21  C  "C5'" . DC  A 1 2  ? -9.979  -10.911 2.576   1.00 10.23 ? 2  DC  A "C5'" 1 
ATOM   22  C  "C4'" . DC  A 1 2  ? -9.743  -9.671  1.717   1.00 7.80  ? 2  DC  A "C4'" 1 
ATOM   23  O  "O4'" . DC  A 1 2  ? -9.840  -8.506  2.548   1.00 6.35  ? 2  DC  A "O4'" 1 
ATOM   24  C  "C3'" . DC  A 1 2  ? -8.348  -9.644  1.126   1.00 6.12  ? 2  DC  A "C3'" 1 
ATOM   25  O  "O3'" . DC  A 1 2  ? -8.432  -8.989  -0.151  1.00 6.84  ? 2  DC  A "O3'" 1 
ATOM   26  C  "C2'" . DC  A 1 2  ? -7.512  -8.663  2.036   1.00 3.59  ? 2  DC  A "C2'" 1 
ATOM   27  C  "C1'" . DC  A 1 2  ? -8.647  -7.673  2.373   1.00 5.49  ? 2  DC  A "C1'" 1 
ATOM   28  N  N1    . DC  A 1 2  ? -8.493  -6.846  3.573   1.00 4.46  ? 2  DC  A N1    1 
ATOM   29  C  C2    . DC  A 1 2  ? -9.232  -5.648  3.589   1.00 5.72  ? 2  DC  A C2    1 
ATOM   30  O  O2    . DC  A 1 2  ? -9.888  -5.283  2.621   1.00 5.99  ? 2  DC  A O2    1 
ATOM   31  N  N3    . DC  A 1 2  ? -9.120  -4.896  4.715   1.00 5.51  ? 2  DC  A N3    1 
ATOM   32  C  C4    . DC  A 1 2  ? -8.355  -5.253  5.781   1.00 5.13  ? 2  DC  A C4    1 
ATOM   33  N  N4    . DC  A 1 2  ? -8.298  -4.442  6.846   1.00 4.73  ? 2  DC  A N4    1 
ATOM   34  C  C5    . DC  A 1 2  ? -7.622  -6.477  5.763   1.00 4.77  ? 2  DC  A C5    1 
ATOM   35  C  C6    . DC  A 1 2  ? -7.728  -7.191  4.649   1.00 4.91  ? 2  DC  A C6    1 
ATOM   36  P  P     . DA  A 1 3  ? -8.409  -9.874  -1.479  1.00 9.61  ? 3  DA  A P     1 
ATOM   37  O  OP1   . DA  A 1 3  ? -9.440  -10.898 -1.379  1.00 11.08 ? 3  DA  A OP1   1 
ATOM   38  O  OP2   . DA  A 1 3  ? -7.002  -10.164 -1.884  1.00 11.19 ? 3  DA  A OP2   1 
ATOM   39  O  "O5'" . DA  A 1 3  ? -8.941  -8.731  -2.512  1.00 8.37  ? 3  DA  A "O5'" 1 
ATOM   40  C  "C5'" . DA  A 1 3  ? -10.359 -8.361  -2.474  1.00 6.55  ? 3  DA  A "C5'" 1 
ATOM   41  C  "C4'" . DA  A 1 3  ? -10.423 -6.925  -2.874  1.00 4.74  ? 3  DA  A "C4'" 1 
ATOM   42  O  "O4'" . DA  A 1 3  ? -9.818  -6.084  -1.881  1.00 6.97  ? 3  DA  A "O4'" 1 
ATOM   43  C  "C3'" . DA  A 1 3  ? -9.702  -6.529  -4.150  1.00 9.61  ? 3  DA  A "C3'" 1 
ATOM   44  O  "O3'" . DA  A 1 3  ? -10.476 -5.554  -4.821  1.00 6.36  ? 3  DA  A "O3'" 1 
ATOM   45  C  "C2'" . DA  A 1 3  ? -8.338  -5.956  -3.700  1.00 5.27  ? 3  DA  A "C2'" 1 
ATOM   46  C  "C1'" . DA  A 1 3  ? -8.670  -5.302  -2.394  1.00 6.31  ? 3  DA  A "C1'" 1 
ATOM   47  N  N9    . DA  A 1 3  ? -7.668  -5.516  -1.338  1.00 4.51  ? 3  DA  A N9    1 
ATOM   48  C  C8    . DA  A 1 3  ? -6.742  -6.498  -1.136  1.00 4.83  ? 3  DA  A C8    1 
ATOM   49  N  N7    . DA  A 1 3  ? -6.097  -6.331  0.002   1.00 4.55  ? 3  DA  A N7    1 
ATOM   50  C  C5    . DA  A 1 3  ? -6.611  -5.204  0.567   1.00 4.17  ? 3  DA  A C5    1 
ATOM   51  C  C6    . DA  A 1 3  ? -6.397  -4.550  1.797   1.00 5.00  ? 3  DA  A C6    1 
ATOM   52  N  N6    . DA  A 1 3  ? -5.507  -5.007  2.703   1.00 6.48  ? 3  DA  A N6    1 
ATOM   53  N  N1    . DA  A 1 3  ? -7.107  -3.450  2.025   1.00 5.29  ? 3  DA  A N1    1 
ATOM   54  C  C2    . DA  A 1 3  ? -8.053  -2.969  1.180   1.00 4.76  ? 3  DA  A C2    1 
ATOM   55  N  N3    . DA  A 1 3  ? -8.360  -3.544  0.018   1.00 4.69  ? 3  DA  A N3    1 
ATOM   56  C  C4    . DA  A 1 3  ? -7.620  -4.656  -0.247  1.00 6.86  ? 3  DA  A C4    1 
ATOM   57  P  P     . DA  A 1 4  ? -10.095 -4.761  -6.191  1.00 6.51  ? 4  DA  A P     1 
ATOM   58  O  OP1   . DA  A 1 4  ? -11.448 -4.347  -6.667  1.00 6.76  ? 4  DA  A OP1   1 
ATOM   59  O  OP2   . DA  A 1 4  ? -9.183  -5.557  -6.926  1.00 6.80  ? 4  DA  A OP2   1 
ATOM   60  O  "O5'" . DA  A 1 4  ? -9.265  -3.462  -5.680  1.00 6.13  ? 4  DA  A "O5'" 1 
ATOM   61  C  "C5'" . DA  A 1 4  ? -10.025 -2.456  -5.018  1.00 7.00  ? 4  DA  A "C5'" 1 
ATOM   62  C  "C4'" . DA  A 1 4  ? -8.994  -1.491  -4.450  1.00 4.95  ? 4  DA  A "C4'" 1 
ATOM   63  O  "O4'" . DA  A 1 4  ? -8.169  -2.063  -3.485  1.00 7.40  ? 4  DA  A "O4'" 1 
ATOM   64  C  "C3'" . DA  A 1 4  ? -8.017  -0.977  -5.517  1.00 8.43  ? 4  DA  A "C3'" 1 
ATOM   65  O  "O3'" . DA  A 1 4  ? -8.267  0.417   -5.672  1.00 8.80  ? 4  DA  A "O3'" 1 
ATOM   66  C  "C2'" . DA  A 1 4  ? -6.588  -1.247  -4.971  1.00 7.30  ? 4  DA  A "C2'" 1 
ATOM   67  C  "C1'" . DA  A 1 4  ? -6.919  -1.337  -3.527  1.00 8.62  ? 4  DA  A "C1'" 1 
ATOM   68  N  N9    . DA  A 1 4  ? -5.995  -2.203  -2.800  1.00 6.06  ? 4  DA  A N9    1 
ATOM   69  C  C8    . DA  A 1 4  ? -5.502  -3.404  -3.167  1.00 7.91  ? 4  DA  A C8    1 
ATOM   70  N  N7    . DA  A 1 4  ? -4.661  -3.914  -2.267  1.00 7.09  ? 4  DA  A N7    1 
ATOM   71  C  C5    . DA  A 1 4  ? -4.695  -2.990  -1.232  1.00 3.67  ? 4  DA  A C5    1 
ATOM   72  C  C6    . DA  A 1 4  ? -4.013  -2.983  0.003   1.00 5.56  ? 4  DA  A C6    1 
ATOM   73  N  N6    . DA  A 1 4  ? -3.197  -3.937  0.448   1.00 4.75  ? 4  DA  A N6    1 
ATOM   74  N  N1    . DA  A 1 4  ? -4.324  -1.888  0.790   1.00 6.32  ? 4  DA  A N1    1 
ATOM   75  C  C2    . DA  A 1 4  ? -5.158  -0.899  0.356   1.00 5.99  ? 4  DA  A C2    1 
ATOM   76  N  N3    . DA  A 1 4  ? -5.821  -0.865  -0.794  1.00 5.63  ? 4  DA  A N3    1 
ATOM   77  C  C4    . DA  A 1 4  ? -5.530  -1.946  -1.551  1.00 4.81  ? 4  DA  A C4    1 
ATOM   78  P  P     . DC  A 1 5  ? -7.376  1.424   -6.578  1.00 8.07  ? 5  DC  A P     1 
ATOM   79  O  OP1   . DC  A 1 5  ? -8.304  2.502   -6.958  1.00 11.11 ? 5  DC  A OP1   1 
ATOM   80  O  OP2   . DC  A 1 5  ? -6.594  0.699   -7.540  1.00 8.83  ? 5  DC  A OP2   1 
ATOM   81  O  "O5'" . DC  A 1 5  ? -6.318  2.094   -5.488  1.00 8.87  ? 5  DC  A "O5'" 1 
ATOM   82  C  "C5'" . DC  A 1 5  ? -6.915  2.741   -4.311  1.00 9.00  ? 5  DC  A "C5'" 1 
ATOM   83  C  "C4'" . DC  A 1 5  ? -5.704  3.131   -3.468  1.00 7.71  ? 5  DC  A "C4'" 1 
ATOM   84  O  "O4'" . DC  A 1 5  ? -5.153  2.012   -2.868  1.00 6.57  ? 5  DC  A "O4'" 1 
ATOM   85  C  "C3'" . DC  A 1 5  ? -4.608  3.844   -4.240  1.00 8.66  ? 5  DC  A "C3'" 1 
ATOM   86  O  "O3'" . DC  A 1 5  ? -4.013  4.787   -3.321  1.00 13.12 ? 5  DC  A "O3'" 1 
ATOM   87  C  "C2'" . DC  A 1 5  ? -3.532  2.792   -4.373  1.00 8.20  ? 5  DC  A "C2'" 1 
ATOM   88  C  "C1'" . DC  A 1 5  ? -3.740  2.118   -3.029  1.00 6.92  ? 5  DC  A "C1'" 1 
ATOM   89  N  N1    . DC  A 1 5  ? -3.093  0.815   -2.905  1.00 7.52  ? 5  DC  A N1    1 
ATOM   90  C  C2    . DC  A 1 5  ? -2.528  0.522   -1.662  1.00 6.77  ? 5  DC  A C2    1 
ATOM   91  O  O2    . DC  A 1 5  ? -2.558  1.333   -0.753  1.00 7.93  ? 5  DC  A O2    1 
ATOM   92  N  N3    . DC  A 1 5  ? -1.956  -0.697  -1.533  1.00 5.88  ? 5  DC  A N3    1 
ATOM   93  C  C4    . DC  A 1 5  ? -1.900  -1.631  -2.489  1.00 5.24  ? 5  DC  A C4    1 
ATOM   94  N  N4    . DC  A 1 5  ? -1.264  -2.752  -2.264  1.00 6.59  ? 5  DC  A N4    1 
ATOM   95  C  C5    . DC  A 1 5  ? -2.518  -1.312  -3.753  1.00 5.66  ? 5  DC  A C5    1 
ATOM   96  C  C6    . DC  A 1 5  ? -3.065  -0.103  -3.916  1.00 6.07  ? 5  DC  A C6    1 
ATOM   97  P  P     . DI  A 1 6  ? -4.029  6.393   -3.687  1.00 12.06 ? 6  DI  A P     1 
ATOM   98  O  OP1   . DI  A 1 6  ? -5.450  6.648   -3.522  1.00 18.77 ? 6  DI  A OP1   1 
ATOM   99  O  OP2   . DI  A 1 6  ? -3.268  6.663   -4.897  1.00 15.50 ? 6  DI  A OP2   1 
ATOM   100 O  "O5'" . DI  A 1 6  ? -3.192  6.852   -2.347  1.00 10.60 ? 6  DI  A "O5'" 1 
ATOM   101 C  "C5'" . DI  A 1 6  ? -3.726  6.747   -1.019  1.00 9.98  ? 6  DI  A "C5'" 1 
ATOM   102 C  "C4'" . DI  A 1 6  ? -2.505  6.571   -0.099  1.00 8.19  ? 6  DI  A "C4'" 1 
ATOM   103 O  "O4'" . DI  A 1 6  ? -1.953  5.283   -0.251  1.00 8.64  ? 6  DI  A "O4'" 1 
ATOM   104 C  "C3'" . DI  A 1 6  ? -1.382  7.550   -0.481  1.00 8.54  ? 6  DI  A "C3'" 1 
ATOM   105 O  "O3'" . DI  A 1 6  ? -0.954  7.994   0.829   1.00 12.12 ? 6  DI  A "O3'" 1 
ATOM   106 C  "C2'" . DI  A 1 6  ? -0.289  6.710   -1.140  1.00 6.84  ? 6  DI  A "C2'" 1 
ATOM   107 C  "C1'" . DI  A 1 6  ? -0.504  5.391   -0.475  1.00 10.08 ? 6  DI  A "C1'" 1 
ATOM   108 N  N9    . DI  A 1 6  ? -0.237  4.227   -1.362  1.00 7.65  ? 6  DI  A N9    1 
ATOM   109 C  C8    . DI  A 1 6  ? -0.645  4.012   -2.609  1.00 5.25  ? 6  DI  A C8    1 
ATOM   110 N  N7    . DI  A 1 6  ? -0.305  2.884   -3.126  1.00 6.62  ? 6  DI  A N7    1 
ATOM   111 C  C5    . DI  A 1 6  ? 0.430   2.263   -2.122  1.00 6.15  ? 6  DI  A C5    1 
ATOM   112 C  C6    . DI  A 1 6  ? 1.091   0.996   -2.079  1.00 6.46  ? 6  DI  A C6    1 
ATOM   113 O  O6    . DI  A 1 6  ? 1.090   0.169   -2.968  1.00 6.25  ? 6  DI  A O6    1 
ATOM   114 N  N1    . DI  A 1 6  ? 1.695   0.796   -0.873  1.00 5.52  ? 6  DI  A N1    1 
ATOM   115 C  C2    . DI  A 1 6  ? 1.703   1.665   0.141   1.00 5.64  ? 6  DI  A C2    1 
ATOM   116 N  N3    . DI  A 1 6  ? 1.122   2.884   0.209   1.00 5.58  ? 6  DI  A N3    1 
ATOM   117 C  C4    . DI  A 1 6  ? 0.508   3.099   -0.991  1.00 6.81  ? 6  DI  A C4    1 
ATOM   118 P  P     . DT  A 1 7  ? 0.183   9.154   0.988   1.00 10.77 ? 7  DT  A P     1 
ATOM   119 O  OP1   . DT  A 1 7  ? -0.269  9.753   2.225   1.00 15.22 ? 7  DT  A OP1   1 
ATOM   120 O  OP2   . DT  A 1 7  ? 0.394   9.813   -0.247  1.00 11.82 ? 7  DT  A OP2   1 
ATOM   121 O  "O5'" . DT  A 1 7  ? 1.497   8.256   1.320   1.00 11.20 ? 7  DT  A "O5'" 1 
ATOM   122 C  "C5'" . DT  A 1 7  ? 1.494   7.450   2.534   1.00 7.03  ? 7  DT  A "C5'" 1 
ATOM   123 C  "C4'" . DT  A 1 7  ? 2.810   6.704   2.447   1.00 8.65  ? 7  DT  A "C4'" 1 
ATOM   124 O  "O4'" . DT  A 1 7  ? 2.778   5.762   1.399   1.00 8.35  ? 7  DT  A "O4'" 1 
ATOM   125 C  "C3'" . DT  A 1 7  ? 4.058   7.516   2.132   1.00 8.87  ? 7  DT  A "C3'" 1 
ATOM   126 O  "O3'" . DT  A 1 7  ? 4.813   7.437   3.387   1.00 12.09 ? 7  DT  A "O3'" 1 
ATOM   127 C  "C2'" . DT  A 1 7  ? 4.771   6.854   0.923   1.00 6.74  ? 7  DT  A "C2'" 1 
ATOM   128 C  "C1'" . DT  A 1 7  ? 4.118   5.485   0.956   1.00 6.24  ? 7  DT  A "C1'" 1 
ATOM   129 N  N1    . DT  A 1 7  ? 3.946   4.865   -0.370  1.00 6.20  ? 7  DT  A N1    1 
ATOM   130 C  C2    . DT  A 1 7  ? 4.439   3.563   -0.538  1.00 6.01  ? 7  DT  A C2    1 
ATOM   131 O  O2    . DT  A 1 7  ? 4.998   2.920   0.354   1.00 7.49  ? 7  DT  A O2    1 
ATOM   132 N  N3    . DT  A 1 7  ? 4.246   2.999   -1.761  1.00 5.79  ? 7  DT  A N3    1 
ATOM   133 C  C4    . DT  A 1 7  ? 3.611   3.615   -2.806  1.00 6.44  ? 7  DT  A C4    1 
ATOM   134 O  O4    . DT  A 1 7  ? 3.470   2.959   -3.855  1.00 6.38  ? 7  DT  A O4    1 
ATOM   135 C  C5    . DT  A 1 7  ? 3.105   4.933   -2.589  1.00 5.79  ? 7  DT  A C5    1 
ATOM   136 C  C7    . DT  A 1 7  ? 2.426   5.657   -3.723  1.00 4.83  ? 7  DT  A C7    1 
ATOM   137 C  C6    . DT  A 1 7  ? 3.293   5.507   -1.389  1.00 7.34  ? 7  DT  A C6    1 
ATOM   138 P  P     . DT  A 1 8  ? 6.147   8.326   3.566   1.00 12.80 ? 8  DT  A P     1 
ATOM   139 O  OP1   . DT  A 1 8  ? 6.239   8.205   5.074   1.00 24.96 ? 8  DT  A OP1   1 
ATOM   140 O  OP2   . DT  A 1 8  ? 6.051   9.427   2.787   1.00 14.09 ? 8  DT  A OP2   1 
ATOM   141 O  "O5'" . DT  A 1 8  ? 7.321   7.390   2.937   1.00 10.33 ? 8  DT  A "O5'" 1 
ATOM   142 C  "C5'" . DT  A 1 8  ? 7.724   6.192   3.607   1.00 7.90  ? 8  DT  A "C5'" 1 
ATOM   143 C  "C4'" . DT  A 1 8  ? 8.881   5.662   2.759   1.00 4.27  ? 8  DT  A "C4'" 1 
ATOM   144 O  "O4'" . DT  A 1 8  ? 8.334   5.139   1.582   1.00 6.49  ? 8  DT  A "O4'" 1 
ATOM   145 C  "C3'" . DT  A 1 8  ? 9.915   6.709   2.376   1.00 6.05  ? 8  DT  A "C3'" 1 
ATOM   146 O  "O3'" . DT  A 1 8  ? 11.173  6.060   2.597   1.00 7.62  ? 8  DT  A "O3'" 1 
ATOM   147 C  "C2'" . DT  A 1 8  ? 9.732   6.905   0.886   1.00 5.69  ? 8  DT  A "C2'" 1 
ATOM   148 C  "C1'" . DT  A 1 8  ? 9.249   5.543   0.534   1.00 5.35  ? 8  DT  A "C1'" 1 
ATOM   149 N  N1    . DT  A 1 8  ? 8.516   5.410   -0.729  1.00 6.08  ? 8  DT  A N1    1 
ATOM   150 C  C2    . DT  A 1 8  ? 8.639   4.195   -1.392  1.00 8.71  ? 8  DT  A C2    1 
ATOM   151 O  O2    . DT  A 1 8  ? 9.318   3.261   -0.952  1.00 8.30  ? 8  DT  A O2    1 
ATOM   152 N  N3    . DT  A 1 8  ? 7.903   3.981   -2.532  1.00 6.23  ? 8  DT  A N3    1 
ATOM   153 C  C4    . DT  A 1 8  ? 7.078   4.968   -3.039  1.00 5.14  ? 8  DT  A C4    1 
ATOM   154 O  O4    . DT  A 1 8  ? 6.374   4.704   -4.068  1.00 5.42  ? 8  DT  A O4    1 
ATOM   155 C  C5    . DT  A 1 8  ? 6.955   6.226   -2.304  1.00 5.67  ? 8  DT  A C5    1 
ATOM   156 C  C7    . DT  A 1 8  ? 6.054   7.345   -2.821  1.00 6.31  ? 8  DT  A C7    1 
ATOM   157 C  C6    . DT  A 1 8  ? 7.657   6.423   -1.183  1.00 3.74  ? 8  DT  A C6    1 
ATOM   158 P  P     . DG  A 1 9  ? 12.083  6.357   3.893   1.00 7.08  ? 9  DG  A P     1 
ATOM   159 O  OP1   . DG  A 1 9  ? 11.232  6.281   5.065   1.00 10.23 ? 9  DG  A OP1   1 
ATOM   160 O  OP2   . DG  A 1 9  ? 12.861  7.601   3.602   1.00 9.13  ? 9  DG  A OP2   1 
ATOM   161 O  "O5'" . DG  A 1 9  ? 13.097  5.180   3.873   1.00 6.53  ? 9  DG  A "O5'" 1 
ATOM   162 C  "C5'" . DG  A 1 9  ? 12.660  3.839   4.291   1.00 5.97  ? 9  DG  A "C5'" 1 
ATOM   163 C  "C4'" . DG  A 1 9  ? 13.524  2.867   3.499   1.00 6.18  ? 9  DG  A "C4'" 1 
ATOM   164 O  "O4'" . DG  A 1 9  ? 13.224  2.849   2.092   1.00 6.22  ? 9  DG  A "O4'" 1 
ATOM   165 C  "C3'" . DG  A 1 9  ? 15.004  3.168   3.554   1.00 6.78  ? 9  DG  A "C3'" 1 
ATOM   166 O  "O3'" . DG  A 1 9  ? 15.637  1.870   3.572   1.00 6.97  ? 9  DG  A "O3'" 1 
ATOM   167 C  "C2'" . DG  A 1 9  ? 15.318  3.954   2.260   1.00 5.83  ? 9  DG  A "C2'" 1 
ATOM   168 C  "C1'" . DG  A 1 9  ? 14.337  3.340   1.274   1.00 5.51  ? 9  DG  A "C1'" 1 
ATOM   169 N  N9    . DG  A 1 9  ? 13.759  4.370   0.385   1.00 4.73  ? 9  DG  A N9    1 
ATOM   170 C  C8    . DG  A 1 9  ? 13.621  5.713   0.519   1.00 6.36  ? 9  DG  A C8    1 
ATOM   171 N  N7    . DG  A 1 9  ? 12.924  6.289   -0.423  1.00 7.25  ? 9  DG  A N7    1 
ATOM   172 C  C5    . DG  A 1 9  ? 12.573  5.235   -1.256  1.00 4.81  ? 9  DG  A C5    1 
ATOM   173 C  C6    . DG  A 1 9  ? 11.787  5.190   -2.453  1.00 5.73  ? 9  DG  A C6    1 
ATOM   174 O  O6    . DG  A 1 9  ? 11.250  6.139   -2.992  1.00 6.47  ? 9  DG  A O6    1 
ATOM   175 N  N1    . DG  A 1 9  ? 11.614  3.976   -3.056  1.00 6.27  ? 9  DG  A N1    1 
ATOM   176 C  C2    . DG  A 1 9  ? 12.192  2.863   -2.502  1.00 11.29 ? 9  DG  A C2    1 
ATOM   177 N  N2    . DG  A 1 9  ? 12.007  1.713   -3.151  1.00 6.00  ? 9  DG  A N2    1 
ATOM   178 N  N3    . DG  A 1 9  ? 12.912  2.838   -1.344  1.00 4.96  ? 9  DG  A N3    1 
ATOM   179 C  C4    . DG  A 1 9  ? 13.048  4.037   -0.767  1.00 5.18  ? 9  DG  A C4    1 
ATOM   180 P  P     . DG  A 1 10 ? 17.211  1.647   3.786   1.00 8.49  ? 10 DG  A P     1 
ATOM   181 O  OP1   . DG  A 1 10 ? 17.338  0.308   4.409   1.00 9.38  ? 10 DG  A OP1   1 
ATOM   182 O  OP2   . DG  A 1 10 ? 17.760  2.754   4.583   1.00 9.07  ? 10 DG  A OP2   1 
ATOM   183 O  "O5'" . DG  A 1 10 ? 17.842  1.739   2.315   1.00 6.70  ? 10 DG  A "O5'" 1 
ATOM   184 C  "C5'" . DG  A 1 10 ? 17.595  0.605   1.461   1.00 6.98  ? 10 DG  A "C5'" 1 
ATOM   185 C  "C4'" . DG  A 1 10 ? 17.890  1.018   0.056   1.00 7.31  ? 10 DG  A "C4'" 1 
ATOM   186 O  "O4'" . DG  A 1 10 ? 16.961  1.998   -0.396  1.00 7.48  ? 10 DG  A "O4'" 1 
ATOM   187 C  "C3'" . DG  A 1 10 ? 19.234  1.619   -0.163  1.00 8.89  ? 10 DG  A "C3'" 1 
ATOM   188 O  "O3'" . DG  A 1 10 ? 20.120  0.702   -0.816  1.00 13.96 ? 10 DG  A "O3'" 1 
ATOM   189 C  "C2'" . DG  A 1 10 ? 19.049  2.753   -1.183  1.00 9.15  ? 10 DG  A "C2'" 1 
ATOM   190 C  "C1'" . DG  A 1 10 ? 17.611  2.603   -1.534  1.00 5.03  ? 10 DG  A "C1'" 1 
ATOM   191 N  N9    . DG  A 1 10 ? 16.999  3.956   -1.596  1.00 6.28  ? 10 DG  A N9    1 
ATOM   192 C  C8    . DG  A 1 10 ? 17.161  5.078   -0.815  1.00 5.54  ? 10 DG  A C8    1 
ATOM   193 N  N7    . DG  A 1 10 ? 16.456  6.067   -1.223  1.00 5.36  ? 10 DG  A N7    1 
ATOM   194 C  C5    . DG  A 1 10 ? 15.762  5.650   -2.348  1.00 5.07  ? 10 DG  A C5    1 
ATOM   195 C  C6    . DG  A 1 10 ? 14.833  6.235   -3.254  1.00 5.55  ? 10 DG  A C6    1 
ATOM   196 O  O6    . DG  A 1 10 ? 14.356  7.362   -3.245  1.00 6.66  ? 10 DG  A O6    1 
ATOM   197 N  N1    . DG  A 1 10 ? 14.412  5.435   -4.320  1.00 6.07  ? 10 DG  A N1    1 
ATOM   198 C  C2    . DG  A 1 10 ? 14.809  4.141   -4.472  1.00 5.40  ? 10 DG  A C2    1 
ATOM   199 N  N2    . DG  A 1 10 ? 14.371  3.424   -5.488  1.00 3.40  ? 10 DG  A N2    1 
ATOM   200 N  N3    . DG  A 1 10 ? 15.641  3.546   -3.616  1.00 5.59  ? 10 DG  A N3    1 
ATOM   201 C  C4    . DG  A 1 10 ? 16.116  4.335   -2.600  1.00 6.69  ? 10 DG  A C4    1 
HETATM 202 AS AS    . CAC B 2 .  ? -14.041 -9.469  1.983   0.50 17.64 ? 11 CAC A AS    1 
HETATM 203 O  O1    . CAC B 2 .  ? -15.853 -11.371 1.941   0.50 6.74  ? 11 CAC A O1    1 
HETATM 204 O  O2    . CAC B 2 .  ? -15.489 -7.494  1.576   0.50 10.75 ? 11 CAC A O2    1 
HETATM 205 CA CA    . CA  C 3 .  ? -8.086  2.788   0.635   1.00 10.25 ? 12 CA  A CA    1 
HETATM 206 O  O     . HOH D 4 .  ? 0.594   3.280   3.069   0.50 12.16 ? 13 HOH A O     1 
HETATM 207 O  O     . HOH D 4 .  ? 14.504  10.034  -3.131  1.00 23.23 ? 14 HOH A O     1 
HETATM 208 O  O     . HOH D 4 .  ? -10.125 -1.019  -1.090  1.00 28.15 ? 15 HOH A O     1 
HETATM 209 O  O     . HOH D 4 .  ? -14.550 -2.699  1.351   1.00 15.64 ? 16 HOH A O     1 
HETATM 210 O  O     . HOH D 4 .  ? -9.531  -3.745  11.711  1.00 9.99  ? 17 HOH A O     1 
HETATM 211 O  O     . HOH D 4 .  ? 2.904   8.855   -1.536  1.00 10.31 ? 18 HOH A O     1 
HETATM 212 O  O     . HOH D 4 .  ? 15.928  8.386   -0.136  1.00 11.78 ? 19 HOH A O     1 
HETATM 213 O  O     . HOH D 4 .  ? -11.236 -6.054  0.373   1.00 9.15  ? 20 HOH A O     1 
HETATM 214 O  O     . HOH D 4 .  ? 4.938   10.185  -0.397  1.00 11.83 ? 21 HOH A O     1 
HETATM 215 O  O     . HOH D 4 .  ? 13.174  0.221   -0.173  1.00 14.88 ? 22 HOH A O     1 
HETATM 216 O  O     . HOH D 4 .  ? 10.921  8.637   -1.973  1.00 17.71 ? 23 HOH A O     1 
HETATM 217 O  O     . HOH D 4 .  ? 18.706  1.900   7.177   1.00 12.88 ? 24 HOH A O     1 
HETATM 218 O  O     . HOH D 4 .  ? -3.775  0.230   -6.943  1.00 11.77 ? 25 HOH A O     1 
HETATM 219 O  O     . HOH D 4 .  ? -3.472  3.142   0.981   1.00 14.62 ? 26 HOH A O     1 
HETATM 220 O  O     . HOH D 4 .  ? 13.504  8.756   -1.117  1.00 0.80  ? 27 HOH A O     1 
HETATM 221 O  O     . HOH D 4 .  ? -6.570  -5.514  8.917   1.00 9.29  ? 28 HOH A O     1 
HETATM 222 O  O     . HOH D 4 .  ? 15.662  0.195   6.747   1.00 16.40 ? 29 HOH A O     1 
HETATM 223 O  O     . HOH D 4 .  ? 5.090   11.640  3.699   1.00 12.47 ? 30 HOH A O     1 
HETATM 224 O  O     . HOH D 4 .  ? -13.375 -3.737  -4.832  1.00 15.10 ? 31 HOH A O     1 
HETATM 225 O  O     . HOH D 4 .  ? -6.529  -13.366 7.327   1.00 17.84 ? 32 HOH A O     1 
HETATM 226 O  O     . HOH D 4 .  ? -16.593 -13.881 1.936   1.00 18.87 ? 33 HOH A O     1 
HETATM 227 O  O     . HOH D 4 .  ? -12.735 -8.399  3.594   1.00 17.18 ? 34 HOH A O     1 
HETATM 228 O  O     . HOH D 4 .  ? -7.241  -3.181  10.434  1.00 12.83 ? 35 HOH A O     1 
HETATM 229 O  O     . HOH D 4 .  ? 5.487   6.260   -6.164  1.00 13.38 ? 36 HOH A O     1 
HETATM 230 O  O     . HOH D 4 .  ? -6.774  -1.767  -8.780  1.00 12.89 ? 37 HOH A O     1 
HETATM 231 O  O     . HOH D 4 .  ? 17.827  5.398   4.496   1.00 16.71 ? 38 HOH A O     1 
HETATM 232 O  O     . HOH D 4 .  ? -9.369  -6.178  -9.721  1.00 15.45 ? 39 HOH A O     1 
HETATM 233 O  O     . HOH D 4 .  ? -6.885  -4.299  -7.642  1.00 19.89 ? 40 HOH A O     1 
HETATM 234 O  O     . HOH D 4 .  ? -7.425  6.690   -1.696  1.00 19.59 ? 41 HOH A O     1 
HETATM 235 O  O     . HOH D 4 .  ? -3.164  -6.221  -2.548  1.00 28.12 ? 42 HOH A O     1 
HETATM 236 O  O     . HOH D 4 .  ? -5.144  -12.212 3.819   1.00 25.64 ? 43 HOH A O     1 
HETATM 237 O  O     . HOH D 4 .  ? 17.378  4.409   8.566   1.00 26.89 ? 44 HOH A O     1 
HETATM 238 O  O     . HOH D 4 .  ? 3.517   9.664   -4.312  1.00 15.72 ? 45 HOH A O     1 
HETATM 239 O  O     . HOH D 4 .  ? 12.749  9.072   1.382   1.00 20.63 ? 46 HOH A O     1 
HETATM 240 O  O     . HOH D 4 .  ? 19.194  -2.046  -0.861  1.00 24.06 ? 47 HOH A O     1 
HETATM 241 O  O     . HOH D 4 .  ? -0.253  2.876   -6.090  1.00 20.77 ? 48 HOH A O     1 
HETATM 242 O  O     . HOH D 4 .  ? -4.470  -10.244 2.023   1.00 30.49 ? 49 HOH A O     1 
HETATM 243 O  O     . HOH D 4 .  ? -2.352  2.463   -7.905  1.00 23.25 ? 50 HOH A O     1 
HETATM 244 O  O     . HOH D 4 .  ? -5.782  -6.114  -9.697  1.00 24.38 ? 51 HOH A O     1 
HETATM 245 O  O     . HOH D 4 .  ? -10.198 -14.810 2.008   1.00 15.76 ? 52 HOH A O     1 
HETATM 246 O  O     . HOH D 4 .  ? 0.318   -0.231  -5.477  1.00 22.91 ? 53 HOH A O     1 
HETATM 247 O  O     . HOH D 4 .  ? 2.543   2.980   -6.396  1.00 17.44 ? 54 HOH A O     1 
HETATM 248 O  O     . HOH D 4 .  ? -9.969  -8.473  -10.912 1.00 24.89 ? 55 HOH A O     1 
HETATM 249 O  O     . HOH D 4 .  ? -8.536  -13.315 -0.224  1.00 24.41 ? 56 HOH A O     1 
HETATM 250 O  O     . HOH D 4 .  ? 2.886   3.272   4.478   1.00 32.94 ? 57 HOH A O     1 
HETATM 251 O  O     . HOH D 4 .  ? -3.960  4.532   3.495   1.00 30.71 ? 58 HOH A O     1 
HETATM 252 O  O     . HOH D 4 .  ? -3.932  -7.157  2.069   1.00 33.21 ? 59 HOH A O     1 
HETATM 253 O  O     . HOH D 4 .  ? -4.730  -4.198  -11.381 1.00 25.67 ? 60 HOH A O     1 
HETATM 254 O  O     . HOH D 4 .  ? 22.293  -1.442  -2.342  1.00 31.58 ? 61 HOH A O     1 
HETATM 255 O  O     . HOH D 4 .  ? -10.162 -1.486  13.102  1.00 33.52 ? 62 HOH A O     1 
HETATM 256 O  O     . HOH D 4 .  ? 15.268  -1.348  -0.835  1.00 29.84 ? 63 HOH A O     1 
HETATM 257 O  O     . HOH D 4 .  ? -4.501  -10.405 -0.612  1.00 32.99 ? 64 HOH A O     1 
HETATM 258 O  O     . HOH D 4 .  ? 13.025  -1.392  -3.655  1.00 35.56 ? 65 HOH A O     1 
HETATM 259 O  O     . HOH D 4 .  ? -4.242  -14.578 5.854   1.00 31.77 ? 66 HOH A O     1 
HETATM 260 O  O     . HOH D 4 .  ? 7.273   9.267   0.460   1.00 23.10 ? 67 HOH A O     1 
HETATM 261 O  O     . HOH D 4 .  ? -1.125  -4.605  -4.553  1.00 25.92 ? 68 HOH A O     1 
HETATM 262 O  O     . HOH D 4 .  ? 3.076   -0.933  -6.806  1.00 43.22 ? 69 HOH A O     1 
HETATM 263 O  O     . HOH D 4 .  ? -0.607  6.927   -4.938  1.00 38.44 ? 70 HOH A O     1 
HETATM 264 O  O     . HOH D 4 .  ? -16.093 -2.194  -4.214  1.00 42.56 ? 71 HOH A O     1 
HETATM 265 O  O     . HOH D 4 .  ? -2.198  -9.058  3.220   1.00 48.90 ? 72 HOH A O     1 
HETATM 266 O  O     . HOH D 4 .  ? 11.900  10.856  -0.958  1.00 27.25 ? 73 HOH A O     1 
HETATM 267 O  O     . HOH D 4 .  ? -11.804 -2.525  15.155  1.00 38.96 ? 74 HOH A O     1 
HETATM 268 O  O     . HOH D 4 .  ? 17.015  -2.927  0.465   1.00 40.77 ? 75 HOH A O     1 
HETATM 269 O  O     . HOH D 4 .  ? 1.500   11.385  4.143   1.00 39.32 ? 76 HOH A O     1 
HETATM 270 O  O     . HOH D 4 .  ? -7.605  6.741   -5.669  1.00 41.49 ? 77 HOH A O     1 
HETATM 271 O  O     . HOH D 4 .  ? -4.746  -4.398  -6.119  1.00 39.61 ? 78 HOH A O     1 
HETATM 272 O  O     . HOH D 4 .  ? -5.653  -8.490  6.459   1.00 41.62 ? 79 HOH A O     1 
HETATM 273 O  O     . HOH D 4 .  ? -15.825 -3.347  -1.556  1.00 37.40 ? 80 HOH A O     1 
HETATM 274 O  O     . HOH D 4 .  ? -8.941  -8.385  -7.200  1.00 38.17 ? 81 HOH A O     1 
HETATM 275 O  O     . HOH D 4 .  ? 9.200   10.984  0.134   1.00 31.83 ? 82 HOH A O     1 
HETATM 276 O  O     . HOH D 4 .  ? 3.537   11.636  1.560   1.00 33.81 ? 83 HOH A O     1 
HETATM 277 O  O     . HOH D 4 .  ? -6.423  -10.940 6.210   1.00 49.05 ? 84 HOH A O     1 
HETATM 278 O  O     . HOH D 4 .  ? -8.044  0.774   -0.702  1.00 14.44 ? 85 HOH A O     1 
HETATM 279 O  O     . HOH D 4 .  ? -9.453  1.651   2.419   1.00 9.59  ? 86 HOH A O     1 
HETATM 280 O  O     . HOH D 4 .  ? -6.517  2.347   2.481   1.00 11.97 ? 87 HOH A O     1 
HETATM 281 O  O     . HOH D 4 .  ? -8.339  4.099   -1.454  1.00 13.13 ? 88 HOH A O     1 
HETATM 282 O  O     . HOH D 4 .  ? -5.891  2.783   -0.111  1.00 14.67 ? 89 HOH A O     1 
HETATM 283 O  O     . HOH D 4 .  ? -10.642 2.855   0.044   1.00 14.67 ? 90 HOH A O     1 
HETATM 284 O  O     . HOH D 4 .  ? -8.403  4.837   1.855   1.00 17.37 ? 91 HOH A O     1 
# 
loop_
_pdbx_poly_seq_scheme.asym_id 
_pdbx_poly_seq_scheme.entity_id 
_pdbx_poly_seq_scheme.seq_id 
_pdbx_poly_seq_scheme.mon_id 
_pdbx_poly_seq_scheme.ndb_seq_num 
_pdbx_poly_seq_scheme.pdb_seq_num 
_pdbx_poly_seq_scheme.auth_seq_num 
_pdbx_poly_seq_scheme.pdb_mon_id 
_pdbx_poly_seq_scheme.auth_mon_id 
_pdbx_poly_seq_scheme.pdb_strand_id 
_pdbx_poly_seq_scheme.pdb_ins_code 
_pdbx_poly_seq_scheme.hetero 
A 1 1  DC 1  1  1  DC C A . n 
A 1 2  DC 2  2  2  DC C A . n 
A 1 3  DA 3  3  3  DA A A . n 
A 1 4  DA 4  4  4  DA A A . n 
A 1 5  DC 5  5  5  DC C A . n 
A 1 6  DI 6  6  6  DI I A . n 
A 1 7  DT 7  7  7  DT T A . n 
A 1 8  DT 8  8  8  DT T A . n 
A 1 9  DG 9  9  9  DG G A . n 
A 1 10 DG 10 10 10 DG G A . n 
# 
loop_
_pdbx_nonpoly_scheme.asym_id 
_pdbx_nonpoly_scheme.entity_id 
_pdbx_nonpoly_scheme.mon_id 
_pdbx_nonpoly_scheme.ndb_seq_num 
_pdbx_nonpoly_scheme.pdb_seq_num 
_pdbx_nonpoly_scheme.auth_seq_num 
_pdbx_nonpoly_scheme.pdb_mon_id 
_pdbx_nonpoly_scheme.auth_mon_id 
_pdbx_nonpoly_scheme.pdb_strand_id 
_pdbx_nonpoly_scheme.pdb_ins_code 
B 2 CAC 1  11 11 CAC CAC A . 
C 3 CA  1  12 12 CA  OC7 A . 
D 4 HOH 1  13 13 HOH HOH A . 
D 4 HOH 2  14 14 HOH HOH A . 
D 4 HOH 3  15 15 HOH HOH A . 
D 4 HOH 4  16 16 HOH HOH A . 
D 4 HOH 5  17 17 HOH HOH A . 
D 4 HOH 6  18 18 HOH HOH A . 
D 4 HOH 7  19 19 HOH HOH A . 
D 4 HOH 8  20 20 HOH HOH A . 
D 4 HOH 9  21 21 HOH HOH A . 
D 4 HOH 10 22 22 HOH HOH A . 
D 4 HOH 11 23 23 HOH HOH A . 
D 4 HOH 12 24 24 HOH HOH A . 
D 4 HOH 13 25 25 HOH HOH A . 
D 4 HOH 14 26 26 HOH HOH A . 
D 4 HOH 15 27 27 HOH HOH A . 
D 4 HOH 16 28 28 HOH HOH A . 
D 4 HOH 17 29 29 HOH HOH A . 
D 4 HOH 18 30 30 HOH HOH A . 
D 4 HOH 19 31 31 HOH HOH A . 
D 4 HOH 20 32 32 HOH HOH A . 
D 4 HOH 21 33 33 HOH HOH A . 
D 4 HOH 22 34 34 HOH HOH A . 
D 4 HOH 23 35 35 HOH HOH A . 
D 4 HOH 24 36 36 HOH HOH A . 
D 4 HOH 25 37 37 HOH HOH A . 
D 4 HOH 26 38 38 HOH HOH A . 
D 4 HOH 27 39 39 HOH HOH A . 
D 4 HOH 28 40 40 HOH HOH A . 
D 4 HOH 29 41 41 HOH HOH A . 
D 4 HOH 30 42 42 HOH HOH A . 
D 4 HOH 31 43 43 HOH HOH A . 
D 4 HOH 32 44 44 HOH HOH A . 
D 4 HOH 33 45 45 HOH HOH A . 
D 4 HOH 34 46 46 HOH HOH A . 
D 4 HOH 35 47 47 HOH HOH A . 
D 4 HOH 36 48 48 HOH HOH A . 
D 4 HOH 37 49 49 HOH HOH A . 
D 4 HOH 38 50 50 HOH HOH A . 
D 4 HOH 39 51 51 HOH HOH A . 
D 4 HOH 40 52 52 HOH HOH A . 
D 4 HOH 41 53 53 HOH HOH A . 
D 4 HOH 42 54 54 HOH HOH A . 
D 4 HOH 43 55 55 HOH HOH A . 
D 4 HOH 44 56 56 HOH HOH A . 
D 4 HOH 45 57 57 HOH HOH A . 
D 4 HOH 46 58 58 HOH HOH A . 
D 4 HOH 47 59 59 HOH HOH A . 
D 4 HOH 48 60 60 HOH HOH A . 
D 4 HOH 49 61 61 HOH HOH A . 
D 4 HOH 50 62 62 HOH HOH A . 
D 4 HOH 51 63 63 HOH HOH A . 
D 4 HOH 52 64 64 HOH HOH A . 
D 4 HOH 53 65 65 HOH HOH A . 
D 4 HOH 54 66 66 HOH HOH A . 
D 4 HOH 55 67 67 HOH HOH A . 
D 4 HOH 56 68 68 HOH HOH A . 
D 4 HOH 57 69 69 HOH HOH A . 
D 4 HOH 58 70 70 HOH HOH A . 
D 4 HOH 59 71 71 HOH HOH A . 
D 4 HOH 60 72 72 HOH HOH A . 
D 4 HOH 61 73 73 HOH HOH A . 
D 4 HOH 62 74 74 HOH HOH A . 
D 4 HOH 63 75 75 HOH HOH A . 
D 4 HOH 64 76 76 HOH HOH A . 
D 4 HOH 65 77 77 HOH HOH A . 
D 4 HOH 66 78 78 HOH HOH A . 
D 4 HOH 67 79 79 HOH HOH A . 
D 4 HOH 68 80 80 HOH HOH A . 
D 4 HOH 69 81 81 HOH HOH A . 
D 4 HOH 70 82 82 HOH HOH A . 
D 4 HOH 71 83 83 HOH HOH A . 
D 4 HOH 72 84 84 HOH HOH A . 
D 4 HOH 73 85 12 HOH OC7 A . 
D 4 HOH 74 86 12 HOH OC7 A . 
D 4 HOH 75 87 12 HOH OC7 A . 
D 4 HOH 76 88 12 HOH OC7 A . 
D 4 HOH 77 89 12 HOH OC7 A . 
D 4 HOH 78 90 12 HOH OC7 A . 
D 4 HOH 79 91 12 HOH OC7 A . 
# 
_pdbx_struct_assembly.id                   1 
_pdbx_struct_assembly.details              author_defined_assembly 
_pdbx_struct_assembly.method_details       ? 
_pdbx_struct_assembly.oligomeric_details   dimeric 
_pdbx_struct_assembly.oligomeric_count     2 
# 
_pdbx_struct_assembly_gen.assembly_id       1 
_pdbx_struct_assembly_gen.oper_expression   1,2 
_pdbx_struct_assembly_gen.asym_id_list      A,B,C,D 
# 
loop_
_pdbx_struct_oper_list.id 
_pdbx_struct_oper_list.type 
_pdbx_struct_oper_list.name 
_pdbx_struct_oper_list.symmetry_operation 
_pdbx_struct_oper_list.matrix[1][1] 
_pdbx_struct_oper_list.matrix[1][2] 
_pdbx_struct_oper_list.matrix[1][3] 
_pdbx_struct_oper_list.vector[1] 
_pdbx_struct_oper_list.matrix[2][1] 
_pdbx_struct_oper_list.matrix[2][2] 
_pdbx_struct_oper_list.matrix[2][3] 
_pdbx_struct_oper_list.vector[2] 
_pdbx_struct_oper_list.matrix[3][1] 
_pdbx_struct_oper_list.matrix[3][2] 
_pdbx_struct_oper_list.matrix[3][3] 
_pdbx_struct_oper_list.vector[3] 
1 'identity operation'         1_555 x,y,z   1.0000000000  0.0000000000 0.0000000000 0.0000000000 0.0000000000 1.0000000000 0.0000000000 0.0000000000  0.0000000000 0.0000000000 1.0000000000  0.0000000000 
2 'crystal symmetry operation' 2_555 -x,y,-z -0.9992263390 0.0289717611 0.0265962492 1.0101683610 0.0289717611 0.0849234513 0.9959661864 -0.0729246194 0.0265962492 0.9959661864 -0.0856971123 0.0500531786 
# 
_pdbx_struct_special_symmetry.id              1 
_pdbx_struct_special_symmetry.PDB_model_num   1 
_pdbx_struct_special_symmetry.auth_asym_id    A 
_pdbx_struct_special_symmetry.auth_comp_id    HOH 
_pdbx_struct_special_symmetry.auth_seq_id     13 
_pdbx_struct_special_symmetry.PDB_ins_code    ? 
_pdbx_struct_special_symmetry.label_asym_id   D 
_pdbx_struct_special_symmetry.label_comp_id   HOH 
_pdbx_struct_special_symmetry.label_seq_id    . 
# 
loop_
_pdbx_struct_conn_angle.id 
_pdbx_struct_conn_angle.ptnr1_label_atom_id 
_pdbx_struct_conn_angle.ptnr1_label_alt_id 
_pdbx_struct_conn_angle.ptnr1_label_asym_id 
_pdbx_struct_conn_angle.ptnr1_label_comp_id 
_pdbx_struct_conn_angle.ptnr1_label_seq_id 
_pdbx_struct_conn_angle.ptnr1_auth_atom_id 
_pdbx_struct_conn_angle.ptnr1_auth_asym_id 
_pdbx_struct_conn_angle.ptnr1_auth_comp_id 
_pdbx_struct_conn_angle.ptnr1_auth_seq_id 
_pdbx_struct_conn_angle.ptnr1_PDB_ins_code 
_pdbx_struct_conn_angle.ptnr1_symmetry 
_pdbx_struct_conn_angle.ptnr2_label_atom_id 
_pdbx_struct_conn_angle.ptnr2_label_alt_id 
_pdbx_struct_conn_angle.ptnr2_label_asym_id 
_pdbx_struct_conn_angle.ptnr2_label_comp_id 
_pdbx_struct_conn_angle.ptnr2_label_seq_id 
_pdbx_struct_conn_angle.ptnr2_auth_atom_id 
_pdbx_struct_conn_angle.ptnr2_auth_asym_id 
_pdbx_struct_conn_angle.ptnr2_auth_comp_id 
_pdbx_struct_conn_angle.ptnr2_auth_seq_id 
_pdbx_struct_conn_angle.ptnr2_PDB_ins_code 
_pdbx_struct_conn_angle.ptnr2_symmetry 
_pdbx_struct_conn_angle.ptnr3_label_atom_id 
_pdbx_struct_conn_angle.ptnr3_label_alt_id 
_pdbx_struct_conn_angle.ptnr3_label_asym_id 
_pdbx_struct_conn_angle.ptnr3_label_comp_id 
_pdbx_struct_conn_angle.ptnr3_label_seq_id 
_pdbx_struct_conn_angle.ptnr3_auth_atom_id 
_pdbx_struct_conn_angle.ptnr3_auth_asym_id 
_pdbx_struct_conn_angle.ptnr3_auth_comp_id 
_pdbx_struct_conn_angle.ptnr3_auth_seq_id 
_pdbx_struct_conn_angle.ptnr3_PDB_ins_code 
_pdbx_struct_conn_angle.ptnr3_symmetry 
_pdbx_struct_conn_angle.value 
_pdbx_struct_conn_angle.value_esd 
1  O ? D HOH . ? A HOH 85 ? 1_555 CA ? C CA . ? A CA 12 ? 1_555 O ? D HOH . ? A HOH 86 ? 1_555 91.4  ? 
2  O ? D HOH . ? A HOH 85 ? 1_555 CA ? C CA . ? A CA 12 ? 1_555 O ? D HOH . ? A HOH 87 ? 1_555 104.7 ? 
3  O ? D HOH . ? A HOH 86 ? 1_555 CA ? C CA . ? A CA 12 ? 1_555 O ? D HOH . ? A HOH 87 ? 1_555 74.6  ? 
4  O ? D HOH . ? A HOH 85 ? 1_555 CA ? C CA . ? A CA 12 ? 1_555 O ? D HOH . ? A HOH 88 ? 1_555 88.6  ? 
5  O ? D HOH . ? A HOH 86 ? 1_555 CA ? C CA . ? A CA 12 ? 1_555 O ? D HOH . ? A HOH 88 ? 1_555 141.3 ? 
6  O ? D HOH . ? A HOH 87 ? 1_555 CA ? C CA . ? A CA 12 ? 1_555 O ? D HOH . ? A HOH 88 ? 1_555 142.3 ? 
7  O ? D HOH . ? A HOH 85 ? 1_555 CA ? C CA . ? A CA 12 ? 1_555 O ? D HOH . ? A HOH 89 ? 1_555 78.7  ? 
8  O ? D HOH . ? A HOH 86 ? 1_555 CA ? C CA . ? A CA 12 ? 1_555 O ? D HOH . ? A HOH 89 ? 1_555 137.8 ? 
9  O ? D HOH . ? A HOH 87 ? 1_555 CA ? C CA . ? A CA 12 ? 1_555 O ? D HOH . ? A HOH 89 ? 1_555 68.8  ? 
10 O ? D HOH . ? A HOH 88 ? 1_555 CA ? C CA . ? A CA 12 ? 1_555 O ? D HOH . ? A HOH 89 ? 1_555 80.0  ? 
11 O ? D HOH . ? A HOH 85 ? 1_555 CA ? C CA . ? A CA 12 ? 1_555 O ? D HOH . ? A HOH 90 ? 1_555 85.0  ? 
12 O ? D HOH . ? A HOH 86 ? 1_555 CA ? C CA . ? A CA 12 ? 1_555 O ? D HOH . ? A HOH 90 ? 1_555 69.0  ? 
13 O ? D HOH . ? A HOH 87 ? 1_555 CA ? C CA . ? A CA 12 ? 1_555 O ? D HOH . ? A HOH 90 ? 1_555 142.5 ? 
14 O ? D HOH . ? A HOH 88 ? 1_555 CA ? C CA . ? A CA 12 ? 1_555 O ? D HOH . ? A HOH 90 ? 1_555 72.4  ? 
15 O ? D HOH . ? A HOH 89 ? 1_555 CA ? C CA . ? A CA 12 ? 1_555 O ? D HOH . ? A HOH 90 ? 1_555 148.2 ? 
16 O ? D HOH . ? A HOH 85 ? 1_555 CA ? C CA . ? A CA 12 ? 1_555 O ? D HOH . ? A HOH 91 ? 1_555 172.8 ? 
17 O ? D HOH . ? A HOH 86 ? 1_555 CA ? C CA . ? A CA 12 ? 1_555 O ? D HOH . ? A HOH 91 ? 1_555 87.3  ? 
18 O ? D HOH . ? A HOH 87 ? 1_555 CA ? C CA . ? A CA 12 ? 1_555 O ? D HOH . ? A HOH 91 ? 1_555 81.8  ? 
19 O ? D HOH . ? A HOH 88 ? 1_555 CA ? C CA . ? A CA 12 ? 1_555 O ? D HOH . ? A HOH 91 ? 1_555 87.9  ? 
20 O ? D HOH . ? A HOH 89 ? 1_555 CA ? C CA . ? A CA 12 ? 1_555 O ? D HOH . ? A HOH 91 ? 1_555 106.9 ? 
21 O ? D HOH . ? A HOH 90 ? 1_555 CA ? C CA . ? A CA 12 ? 1_555 O ? D HOH . ? A HOH 91 ? 1_555 87.9  ? 
# 
loop_
_pdbx_audit_revision_history.ordinal 
_pdbx_audit_revision_history.data_content_type 
_pdbx_audit_revision_history.major_revision 
_pdbx_audit_revision_history.minor_revision 
_pdbx_audit_revision_history.revision_date 
1 'Structure model' 1 0 1993-04-15 
2 'Structure model' 1 1 2008-05-22 
3 'Structure model' 1 2 2011-07-13 
4 'Structure model' 2 0 2023-07-26 
# 
loop_
_pdbx_audit_revision_details.ordinal 
_pdbx_audit_revision_details.revision_ordinal 
_pdbx_audit_revision_details.data_content_type 
_pdbx_audit_revision_details.provider 
_pdbx_audit_revision_details.type 
_pdbx_audit_revision_details.description 
_pdbx_audit_revision_details.details 
1 1 'Structure model' repository 'Initial release' ? ? 
2 4 'Structure model' repository Remediation       ? 
'Coordinates and associated ncs operations (if present) transformed into standard crystal frame' 
# 
loop_
_pdbx_audit_revision_group.ordinal 
_pdbx_audit_revision_group.revision_ordinal 
_pdbx_audit_revision_group.data_content_type 
_pdbx_audit_revision_group.group 
1 2 'Structure model' 'Version format compliance' 
2 3 'Structure model' Advisory                    
3 3 'Structure model' 'Version format compliance' 
4 4 'Structure model' Advisory                    
5 4 'Structure model' 'Atomic model'              
6 4 'Structure model' 'Data collection'           
7 4 'Structure model' 'Database references'       
8 4 'Structure model' 'Derived calculations'      
9 4 'Structure model' Other                       
# 
loop_
_pdbx_audit_revision_category.ordinal 
_pdbx_audit_revision_category.revision_ordinal 
_pdbx_audit_revision_category.data_content_type 
_pdbx_audit_revision_category.category 
1  4 'Structure model' atom_site                  
2  4 'Structure model' atom_sites                 
3  4 'Structure model' database_2                 
4  4 'Structure model' database_PDB_matrix        
5  4 'Structure model' pdbx_struct_conn_angle     
6  4 'Structure model' pdbx_validate_rmsd_angle   
7  4 'Structure model' pdbx_validate_rmsd_bond    
8  4 'Structure model' pdbx_validate_symm_contact 
9  4 'Structure model' struct_conn                
10 4 'Structure model' struct_site                
# 
loop_
_pdbx_audit_revision_item.ordinal 
_pdbx_audit_revision_item.revision_ordinal 
_pdbx_audit_revision_item.data_content_type 
_pdbx_audit_revision_item.item 
1  4 'Structure model' '_atom_site.Cartn_x'                          
2  4 'Structure model' '_atom_site.Cartn_z'                          
3  4 'Structure model' '_atom_site.occupancy'                        
4  4 'Structure model' '_atom_sites.fract_transf_matrix[1][1]'       
5  4 'Structure model' '_atom_sites.fract_transf_matrix[1][3]'       
6  4 'Structure model' '_atom_sites.fract_transf_matrix[3][1]'       
7  4 'Structure model' '_atom_sites.fract_transf_matrix[3][3]'       
8  4 'Structure model' '_database_2.pdbx_DOI'                        
9  4 'Structure model' '_database_2.pdbx_database_accession'         
10 4 'Structure model' '_database_PDB_matrix.origx[1][1]'            
11 4 'Structure model' '_database_PDB_matrix.origx[1][3]'            
12 4 'Structure model' '_database_PDB_matrix.origx[3][1]'            
13 4 'Structure model' '_database_PDB_matrix.origx[3][3]'            
14 4 'Structure model' '_pdbx_struct_conn_angle.ptnr1_auth_seq_id'   
15 4 'Structure model' '_pdbx_struct_conn_angle.ptnr3_auth_seq_id'   
16 4 'Structure model' '_pdbx_struct_conn_angle.value'               
17 4 'Structure model' '_pdbx_validate_rmsd_angle.angle_deviation'   
18 4 'Structure model' '_pdbx_validate_rmsd_angle.angle_value'       
19 4 'Structure model' '_pdbx_validate_rmsd_bond.bond_deviation'     
20 4 'Structure model' '_pdbx_validate_rmsd_bond.bond_value'         
21 4 'Structure model' '_pdbx_validate_symm_contact.site_symmetry_2' 
22 4 'Structure model' '_struct_conn.pdbx_dist_value'                
23 4 'Structure model' '_struct_conn.ptnr2_auth_seq_id'              
24 4 'Structure model' '_struct_site.pdbx_auth_asym_id'              
25 4 'Structure model' '_struct_site.pdbx_auth_comp_id'              
26 4 'Structure model' '_struct_site.pdbx_auth_seq_id'               
# 
loop_
_refine_B_iso.class 
_refine_B_iso.details 
_refine_B_iso.treatment 
_refine_B_iso.pdbx_refine_id 
'ALL ATOMS'  TR isotropic 'X-RAY DIFFRACTION' 
'ALL IONS'   TR isotropic 'X-RAY DIFFRACTION' 
'ALL WATERS' TR isotropic 'X-RAY DIFFRACTION' 
# 
loop_
_refine_occupancy.class 
_refine_occupancy.treatment 
_refine_occupancy.pdbx_refine_id 
'ALL ATOMS'  fix 'X-RAY DIFFRACTION' 
'ALL IONS'   fix 'X-RAY DIFFRACTION' 
'ALL WATERS' fix 'X-RAY DIFFRACTION' 
# 
_software.name             NUCLSQ 
_software.classification   refinement 
_software.version          . 
_software.citation_id      ? 
_software.pdbx_ordinal     1 
# 
_pdbx_database_remark.id     285 
_pdbx_database_remark.text   
;THE ENTRY COORDINATES
ARE NOT PRESENTED IN THE STANDARD CRYSTAL FRAME.
;
# 
loop_
_pdbx_validate_symm_contact.id 
_pdbx_validate_symm_contact.PDB_model_num 
_pdbx_validate_symm_contact.auth_atom_id_1 
_pdbx_validate_symm_contact.auth_asym_id_1 
_pdbx_validate_symm_contact.auth_comp_id_1 
_pdbx_validate_symm_contact.auth_seq_id_1 
_pdbx_validate_symm_contact.PDB_ins_code_1 
_pdbx_validate_symm_contact.label_alt_id_1 
_pdbx_validate_symm_contact.site_symmetry_1 
_pdbx_validate_symm_contact.auth_atom_id_2 
_pdbx_validate_symm_contact.auth_asym_id_2 
_pdbx_validate_symm_contact.auth_comp_id_2 
_pdbx_validate_symm_contact.auth_seq_id_2 
_pdbx_validate_symm_contact.PDB_ins_code_2 
_pdbx_validate_symm_contact.label_alt_id_2 
_pdbx_validate_symm_contact.site_symmetry_2 
_pdbx_validate_symm_contact.dist 
1 1 O  A HOH 14 ? ? 1_555 O A HOH 14 ? ? 2_554 1.70 
2 1 O2 A CAC 11 ? ? 1_555 O A HOH 44 ? ? 3_556 2.19 
# 
loop_
_pdbx_validate_rmsd_bond.id 
_pdbx_validate_rmsd_bond.PDB_model_num 
_pdbx_validate_rmsd_bond.auth_atom_id_1 
_pdbx_validate_rmsd_bond.auth_asym_id_1 
_pdbx_validate_rmsd_bond.auth_comp_id_1 
_pdbx_validate_rmsd_bond.auth_seq_id_1 
_pdbx_validate_rmsd_bond.PDB_ins_code_1 
_pdbx_validate_rmsd_bond.label_alt_id_1 
_pdbx_validate_rmsd_bond.auth_atom_id_2 
_pdbx_validate_rmsd_bond.auth_asym_id_2 
_pdbx_validate_rmsd_bond.auth_comp_id_2 
_pdbx_validate_rmsd_bond.auth_seq_id_2 
_pdbx_validate_rmsd_bond.PDB_ins_code_2 
_pdbx_validate_rmsd_bond.label_alt_id_2 
_pdbx_validate_rmsd_bond.bond_value 
_pdbx_validate_rmsd_bond.bond_target_value 
_pdbx_validate_rmsd_bond.bond_deviation 
_pdbx_validate_rmsd_bond.bond_standard_deviation 
_pdbx_validate_rmsd_bond.linker_flag 
1 1 P     A DC 2 ? ? OP1   A DC 2 ? ? 1.376 1.485 -0.109 0.017 N 
2 1 P     A DC 2 ? ? OP2   A DC 2 ? ? 1.249 1.485 -0.236 0.017 N 
3 1 P     A DC 2 ? ? "O5'" A DC 2 ? ? 1.682 1.593 0.089  0.010 N 
4 1 P     A DC 5 ? ? "O5'" A DC 5 ? ? 1.660 1.593 0.067  0.010 N 
5 1 "O4'" A DC 5 ? ? "C4'" A DC 5 ? ? 1.383 1.446 -0.063 0.010 N 
6 1 P     A DT 8 ? ? OP2   A DT 8 ? ? 1.352 1.485 -0.133 0.017 N 
# 
loop_
_pdbx_validate_rmsd_angle.id 
_pdbx_validate_rmsd_angle.PDB_model_num 
_pdbx_validate_rmsd_angle.auth_atom_id_1 
_pdbx_validate_rmsd_angle.auth_asym_id_1 
_pdbx_validate_rmsd_angle.auth_comp_id_1 
_pdbx_validate_rmsd_angle.auth_seq_id_1 
_pdbx_validate_rmsd_angle.PDB_ins_code_1 
_pdbx_validate_rmsd_angle.label_alt_id_1 
_pdbx_validate_rmsd_angle.auth_atom_id_2 
_pdbx_validate_rmsd_angle.auth_asym_id_2 
_pdbx_validate_rmsd_angle.auth_comp_id_2 
_pdbx_validate_rmsd_angle.auth_seq_id_2 
_pdbx_validate_rmsd_angle.PDB_ins_code_2 
_pdbx_validate_rmsd_angle.label_alt_id_2 
_pdbx_validate_rmsd_angle.auth_atom_id_3 
_pdbx_validate_rmsd_angle.auth_asym_id_3 
_pdbx_validate_rmsd_angle.auth_comp_id_3 
_pdbx_validate_rmsd_angle.auth_seq_id_3 
_pdbx_validate_rmsd_angle.PDB_ins_code_3 
_pdbx_validate_rmsd_angle.label_alt_id_3 
_pdbx_validate_rmsd_angle.angle_value 
_pdbx_validate_rmsd_angle.angle_target_value 
_pdbx_validate_rmsd_angle.angle_deviation 
_pdbx_validate_rmsd_angle.angle_standard_deviation 
_pdbx_validate_rmsd_angle.linker_flag 
1  1 "O5'" A DC 1  ? ? "C5'" A DC 1  ? ? "C4'" A DC 1  ? ? 102.31 109.40 -7.09 0.80 N 
2  1 "C5'" A DC 1  ? ? "C4'" A DC 1  ? ? "C3'" A DC 1  ? ? 125.27 115.70 9.57  1.20 N 
3  1 "O4'" A DC 1  ? ? "C1'" A DC 1  ? ? N1    A DC 1  ? ? 101.63 108.00 -6.37 0.70 N 
4  1 "O3'" A DC 1  ? ? P     A DC 2  ? ? OP2   A DC 2  ? ? 121.02 110.50 10.52 1.10 Y 
5  1 C2    A DC 2  ? ? N3    A DC 2  ? ? C4    A DC 2  ? ? 123.43 119.90 3.53  0.50 N 
6  1 C5    A DC 2  ? ? C6    A DC 2  ? ? N1    A DC 2  ? ? 124.76 121.00 3.76  0.50 N 
7  1 "O4'" A DA 3  ? ? "C1'" A DA 3  ? ? N9    A DA 3  ? ? 101.69 108.00 -6.31 0.70 N 
8  1 C6    A DA 3  ? ? N1    A DA 3  ? ? C2    A DA 3  ? ? 124.00 118.60 5.40  0.60 N 
9  1 N1    A DA 3  ? ? C2    A DA 3  ? ? N3    A DA 3  ? ? 123.42 129.30 -5.88 0.50 N 
10 1 "C3'" A DA 3  ? ? "O3'" A DA 3  ? ? P     A DA 4  ? ? 127.34 119.70 7.64  1.20 Y 
11 1 "O4'" A DA 4  ? ? "C1'" A DA 4  ? ? N9    A DA 4  ? ? 103.58 108.00 -4.42 0.70 N 
12 1 C5    A DA 4  ? ? C6    A DA 4  ? ? N1    A DA 4  ? ? 113.16 117.70 -4.54 0.50 N 
13 1 "O5'" A DC 5  ? ? "C5'" A DC 5  ? ? "C4'" A DC 5  ? ? 103.46 109.40 -5.94 0.80 N 
14 1 "O4'" A DC 5  ? ? "C1'" A DC 5  ? ? N1    A DC 5  ? ? 111.34 108.30 3.04  0.30 N 
15 1 C2    A DC 5  ? ? N3    A DC 5  ? ? C4    A DC 5  ? ? 125.33 119.90 5.43  0.50 N 
16 1 N3    A DC 5  ? ? C4    A DC 5  ? ? C5    A DC 5  ? ? 117.02 121.90 -4.88 0.40 N 
17 1 "O5'" A DT 7  ? ? "C5'" A DT 7  ? ? "C4'" A DT 7  ? ? 102.82 109.40 -6.58 0.80 N 
18 1 OP1   A DT 8  ? ? P     A DT 8  ? ? OP2   A DT 8  ? ? 130.00 119.60 10.40 1.50 N 
19 1 "O5'" A DT 8  ? ? "C5'" A DT 8  ? ? "C4'" A DT 8  ? ? 104.10 109.40 -5.30 0.80 N 
20 1 N1    A DT 8  ? ? C2    A DT 8  ? ? N3    A DT 8  ? ? 118.97 114.60 4.37  0.60 N 
21 1 C2    A DT 8  ? ? N3    A DT 8  ? ? C4    A DT 8  ? ? 120.86 127.20 -6.34 0.60 N 
22 1 C5    A DT 8  ? ? C6    A DT 8  ? ? N1    A DT 8  ? ? 119.09 123.70 -4.61 0.60 N 
23 1 N3    A DT 8  ? ? C2    A DT 8  ? ? O2    A DT 8  ? ? 118.18 122.30 -4.12 0.60 N 
24 1 C6    A DT 8  ? ? C5    A DT 8  ? ? C7    A DT 8  ? ? 119.04 122.90 -3.86 0.60 N 
25 1 C6    A DG 9  ? ? N1    A DG 9  ? ? C2    A DG 9  ? ? 119.34 125.10 -5.76 0.60 N 
26 1 C5    A DG 9  ? ? C6    A DG 9  ? ? N1    A DG 9  ? ? 117.76 111.50 6.26  0.50 N 
27 1 N1    A DG 9  ? ? C6    A DG 9  ? ? O6    A DG 9  ? ? 116.24 119.90 -3.66 0.60 N 
28 1 "O4'" A DG 10 ? ? "C1'" A DG 10 ? ? N9    A DG 10 ? ? 103.24 108.00 -4.76 0.70 N 
29 1 C2    A DG 10 ? ? N3    A DG 10 ? ? C4    A DG 10 ? ? 115.81 111.90 3.91  0.50 N 
30 1 C5    A DG 10 ? ? C6    A DG 10 ? ? N1    A DG 10 ? ? 116.55 111.50 5.05  0.50 N 
31 1 C4    A DG 10 ? ? C5    A DG 10 ? ? N7    A DG 10 ? ? 107.80 110.80 -3.00 0.40 N 
32 1 C5    A DG 10 ? ? N7    A DG 10 ? ? C8    A DG 10 ? ? 107.53 104.30 3.23  0.50 N 
33 1 C6    A DG 10 ? ? C5    A DG 10 ? ? N7    A DG 10 ? ? 136.02 130.40 5.62  0.60 N 
34 1 N1    A DG 10 ? ? C6    A DG 10 ? ? O6    A DG 10 ? ? 114.53 119.90 -5.37 0.60 N 
# 
loop_
_pdbx_unobs_or_zero_occ_atoms.id 
_pdbx_unobs_or_zero_occ_atoms.PDB_model_num 
_pdbx_unobs_or_zero_occ_atoms.polymer_flag 
_pdbx_unobs_or_zero_occ_atoms.occupancy_flag 
_pdbx_unobs_or_zero_occ_atoms.auth_asym_id 
_pdbx_unobs_or_zero_occ_atoms.auth_comp_id 
_pdbx_unobs_or_zero_occ_atoms.auth_seq_id 
_pdbx_unobs_or_zero_occ_atoms.PDB_ins_code 
_pdbx_unobs_or_zero_occ_atoms.auth_atom_id 
_pdbx_unobs_or_zero_occ_atoms.label_alt_id 
_pdbx_unobs_or_zero_occ_atoms.label_asym_id 
_pdbx_unobs_or_zero_occ_atoms.label_comp_id 
_pdbx_unobs_or_zero_occ_atoms.label_seq_id 
_pdbx_unobs_or_zero_occ_atoms.label_atom_id 
1 1 N 1 A CAC 11 ? C1 ? B CAC 1 C1 
2 1 N 1 A CAC 11 ? C2 ? B CAC 1 C2 
# 
loop_
_ndb_struct_conf_na.entry_id 
_ndb_struct_conf_na.feature 
1D61 'b-form double helix' 
1D61 'internal loop'       
# 
loop_
_ndb_struct_na_base_pair.model_number 
_ndb_struct_na_base_pair.i_label_asym_id 
_ndb_struct_na_base_pair.i_label_comp_id 
_ndb_struct_na_base_pair.i_label_seq_id 
_ndb_struct_na_base_pair.i_symmetry 
_ndb_struct_na_base_pair.j_label_asym_id 
_ndb_struct_na_base_pair.j_label_comp_id 
_ndb_struct_na_base_pair.j_label_seq_id 
_ndb_struct_na_base_pair.j_symmetry 
_ndb_struct_na_base_pair.shear 
_ndb_struct_na_base_pair.stretch 
_ndb_struct_na_base_pair.stagger 
_ndb_struct_na_base_pair.buckle 
_ndb_struct_na_base_pair.propeller 
_ndb_struct_na_base_pair.opening 
_ndb_struct_na_base_pair.pair_number 
_ndb_struct_na_base_pair.pair_name 
_ndb_struct_na_base_pair.i_auth_asym_id 
_ndb_struct_na_base_pair.i_auth_seq_id 
_ndb_struct_na_base_pair.i_PDB_ins_code 
_ndb_struct_na_base_pair.j_auth_asym_id 
_ndb_struct_na_base_pair.j_auth_seq_id 
_ndb_struct_na_base_pair.j_PDB_ins_code 
_ndb_struct_na_base_pair.hbond_type_28 
_ndb_struct_na_base_pair.hbond_type_12 
1 A DC 1 1_555 A DG 10 2_555 0.160  -0.082 0.132 -8.515 -13.262 2.252  1 A_DC1:DG10_A A 1 ? A 10 ? 19 1 
1 A DC 2 1_555 A DG 9  2_555 0.308  -0.176 0.046 -0.756 -11.248 -1.421 2 A_DC2:DG9_A  A 2 ? A 9  ? 19 1 
1 A DA 3 1_555 A DT 8  2_555 0.003  -0.119 0.234 1.788  -5.383  -0.482 3 A_DA3:DT8_A  A 3 ? A 8  ? 20 1 
1 A DA 4 1_555 A DT 7  2_555 -0.019 -0.125 0.149 2.186  -14.336 4.449  4 A_DA4:DT7_A  A 4 ? A 7  ? 20 1 
1 A DC 1 1_555 A DG 10 1_555 0.160  -0.082 0.132 -8.515 -13.262 2.252  5 A_DC1:DG10_A A 1 ? A 10 ? 19 1 
1 A DC 2 1_555 A DG 9  1_555 0.308  -0.176 0.046 -0.756 -11.248 -1.421 6 A_DC2:DG9_A  A 2 ? A 9  ? 19 1 
1 A DA 3 1_555 A DT 8  1_555 0.003  -0.119 0.234 1.787  -5.383  -0.482 7 A_DA3:DT8_A  A 3 ? A 8  ? 20 1 
1 A DA 4 1_555 A DT 7  1_555 -0.019 -0.125 0.149 2.186  -14.336 4.449  8 A_DA4:DT7_A  A 4 ? A 7  ? 20 1 
# 
loop_
_ndb_struct_na_base_pair_step.model_number 
_ndb_struct_na_base_pair_step.i_label_asym_id_1 
_ndb_struct_na_base_pair_step.i_label_comp_id_1 
_ndb_struct_na_base_pair_step.i_label_seq_id_1 
_ndb_struct_na_base_pair_step.i_symmetry_1 
_ndb_struct_na_base_pair_step.j_label_asym_id_1 
_ndb_struct_na_base_pair_step.j_label_comp_id_1 
_ndb_struct_na_base_pair_step.j_label_seq_id_1 
_ndb_struct_na_base_pair_step.j_symmetry_1 
_ndb_struct_na_base_pair_step.i_label_asym_id_2 
_ndb_struct_na_base_pair_step.i_label_comp_id_2 
_ndb_struct_na_base_pair_step.i_label_seq_id_2 
_ndb_struct_na_base_pair_step.i_symmetry_2 
_ndb_struct_na_base_pair_step.j_label_asym_id_2 
_ndb_struct_na_base_pair_step.j_label_comp_id_2 
_ndb_struct_na_base_pair_step.j_label_seq_id_2 
_ndb_struct_na_base_pair_step.j_symmetry_2 
_ndb_struct_na_base_pair_step.shift 
_ndb_struct_na_base_pair_step.slide 
_ndb_struct_na_base_pair_step.rise 
_ndb_struct_na_base_pair_step.tilt 
_ndb_struct_na_base_pair_step.roll 
_ndb_struct_na_base_pair_step.twist 
_ndb_struct_na_base_pair_step.x_displacement 
_ndb_struct_na_base_pair_step.y_displacement 
_ndb_struct_na_base_pair_step.helical_rise 
_ndb_struct_na_base_pair_step.inclination 
_ndb_struct_na_base_pair_step.tip 
_ndb_struct_na_base_pair_step.helical_twist 
_ndb_struct_na_base_pair_step.step_number 
_ndb_struct_na_base_pair_step.step_name 
_ndb_struct_na_base_pair_step.i_auth_asym_id_1 
_ndb_struct_na_base_pair_step.i_auth_seq_id_1 
_ndb_struct_na_base_pair_step.i_PDB_ins_code_1 
_ndb_struct_na_base_pair_step.j_auth_asym_id_1 
_ndb_struct_na_base_pair_step.j_auth_seq_id_1 
_ndb_struct_na_base_pair_step.j_PDB_ins_code_1 
_ndb_struct_na_base_pair_step.i_auth_asym_id_2 
_ndb_struct_na_base_pair_step.i_auth_seq_id_2 
_ndb_struct_na_base_pair_step.i_PDB_ins_code_2 
_ndb_struct_na_base_pair_step.j_auth_asym_id_2 
_ndb_struct_na_base_pair_step.j_auth_seq_id_2 
_ndb_struct_na_base_pair_step.j_PDB_ins_code_2 
1 A DC 1 1_555 A DG 10 2_555 A DC 2 1_555 A DG 9 2_555 -0.669 0.768 3.153 2.740  9.378  28.091 -0.460 1.877  3.162 18.621  -5.441 
29.710 1 AA_DC1DC2:DG9DG10_AA A 1 ? A 10 ? A 2 ? A 9 ? 
1 A DC 2 1_555 A DG 9  2_555 A DA 3 1_555 A DT 8 2_555 0.273  2.806 3.227 -1.685 -9.943 49.919 3.899  -0.425 2.649 -11.644 1.973  
50.864 2 AA_DC2DA3:DT8DG9_AA  A 2 ? A 9  ? A 3 ? A 8 ? 
1 A DA 3 1_555 A DT 8  2_555 A DA 4 1_555 A DT 7 2_555 0.390  0.110 3.412 -1.344 10.417 27.944 -2.063 -1.053 3.223 20.669  2.666  
29.816 3 AA_DA3DA4:DT7DT8_AA  A 3 ? A 8  ? A 4 ? A 7 ? 
1 A DC 1 1_555 A DG 10 1_555 A DC 2 1_555 A DG 9 1_555 -0.669 0.768 3.153 2.740  9.378  28.091 -0.460 1.877  3.162 18.622  -5.441 
29.710 4 AA_DC1DC2:DG9DG10_AA A 1 ? A 10 ? A 2 ? A 9 ? 
1 A DC 2 1_555 A DG 9  1_555 A DA 3 1_555 A DT 8 1_555 0.273  2.806 3.227 -1.685 -9.943 49.919 3.899  -0.425 2.649 -11.644 1.973  
50.864 5 AA_DC2DA3:DT8DG9_AA  A 2 ? A 9  ? A 3 ? A 8 ? 
1 A DA 3 1_555 A DT 8  1_555 A DA 4 1_555 A DT 7 1_555 0.390  0.110 3.412 -1.344 10.416 27.944 -2.063 -1.053 3.223 20.669  2.666  
29.816 6 AA_DA3DA4:DT7DT8_AA  A 3 ? A 8  ? A 4 ? A 7 ? 
# 
loop_
_pdbx_entity_nonpoly.entity_id 
_pdbx_entity_nonpoly.name 
_pdbx_entity_nonpoly.comp_id 
2 'CACODYLATE ION' CAC 
3 'CALCIUM ION'    CA  
4 water            HOH 
# 
